data_2Q58
#
_entry.id   2Q58
#
_cell.length_a   101.776
_cell.length_b   101.776
_cell.length_c   75.275
_cell.angle_alpha   90.00
_cell.angle_beta   90.00
_cell.angle_gamma   120.00
#
_symmetry.space_group_name_H-M   'P 31'
#
loop_
_entity.id
_entity.type
_entity.pdbx_description
1 polymer 'Farnesyl pyrophosphate synthase'
2 non-polymer 'MAGNESIUM ION'
3 non-polymer 'ZOLEDRONIC ACID'
4 water water
#
_entity_poly.entity_id   1
_entity_poly.type   'polypeptide(L)'
_entity_poly.pdbx_seq_one_letter_code
;MGSSHHHHHHSSGRENLYFQGEYDYTDFINYYDKFKVIVYNVLKKLPLNDEIRKPVIEYYLNCIDYNVKKGKHIRGKILV
LISSLSSAYSNIKRDSIYLLGWVVEAIQALILIADDIMDSGKFRRGAPCWYIVHGQSNAINDIFFLKMLSLSLIFELSSV
FGNDIVMKIQKIYNESIFFTVLGQHLDLSYFDLSKADKISERYFSMVEMKTSRYTFYMPVFFGLTLSEIQVSSAQLNLIE
AILYKLGEFYQVHNDVSDYLFNDSNADDICRFKLTWPLQKSFEIADEEMKLKISENYGKNSSLVKDCYNLLKINEHYLEY
QRNALDYLIKLVKDITDDSLQKVFIHLIHQISELITNSRSNADSNNSL
;
_entity_poly.pdbx_strand_id   A,B
#
loop_
_chem_comp.id
_chem_comp.type
_chem_comp.name
_chem_comp.formula
MG non-polymer 'MAGNESIUM ION' 'Mg 2'
ZOL non-polymer 'ZOLEDRONIC ACID' 'C5 H10 N2 O7 P2'
#
# COMPACT_ATOMS: atom_id res chain seq x y z
N TYR A 23 5.39 -24.71 22.17
CA TYR A 23 4.98 -25.71 21.19
C TYR A 23 6.06 -25.94 20.14
N ASP A 24 5.86 -26.94 19.30
CA ASP A 24 6.83 -27.30 18.28
C ASP A 24 7.08 -26.20 17.25
N TYR A 25 6.11 -26.01 16.36
CA TYR A 25 6.06 -24.81 15.53
C TYR A 25 7.22 -24.72 14.54
N THR A 26 8.06 -25.74 14.53
CA THR A 26 9.24 -25.76 13.67
C THR A 26 8.86 -25.93 12.21
N ASP A 27 7.59 -26.24 11.96
CA ASP A 27 7.18 -26.85 10.70
C ASP A 27 6.59 -25.81 9.75
N PHE A 28 5.63 -25.03 10.26
CA PHE A 28 5.37 -23.69 9.74
C PHE A 28 6.66 -23.04 9.26
N ILE A 29 7.65 -22.97 10.14
CA ILE A 29 8.88 -22.22 9.86
C ILE A 29 9.67 -22.88 8.73
N ASN A 30 9.44 -24.17 8.51
CA ASN A 30 10.10 -24.90 7.44
C ASN A 30 9.39 -24.72 6.10
N TYR A 31 8.16 -24.20 6.15
CA TYR A 31 7.36 -24.03 4.95
C TYR A 31 7.86 -22.86 4.11
N TYR A 32 8.69 -22.01 4.72
CA TYR A 32 9.17 -20.80 4.05
C TYR A 32 9.55 -21.08 2.60
N ASP A 33 10.28 -22.16 2.38
CA ASP A 33 10.96 -22.39 1.11
C ASP A 33 9.96 -22.66 0.00
N LYS A 34 8.83 -23.26 0.35
CA LYS A 34 7.72 -23.41 -0.58
C LYS A 34 6.95 -22.10 -0.74
N PHE A 35 7.16 -21.18 0.19
CA PHE A 35 6.56 -19.86 0.11
C PHE A 35 7.30 -18.97 -0.88
N LYS A 36 8.63 -19.10 -0.92
CA LYS A 36 9.43 -18.47 -1.96
C LYS A 36 9.26 -19.21 -3.28
N VAL A 37 9.06 -20.52 -3.25
CA VAL A 37 8.71 -21.23 -4.50
C VAL A 37 7.45 -20.57 -5.06
N ILE A 38 6.39 -20.72 -4.28
CA ILE A 38 5.12 -20.05 -4.43
C ILE A 38 5.26 -18.56 -4.68
N VAL A 39 6.35 -17.97 -4.19
CA VAL A 39 6.63 -16.56 -4.45
C VAL A 39 7.27 -16.37 -5.82
N TYR A 40 8.45 -16.96 -5.98
CA TYR A 40 9.22 -16.88 -7.21
C TYR A 40 8.39 -17.27 -8.44
N ASN A 41 7.48 -18.21 -8.24
CA ASN A 41 6.61 -18.74 -9.27
C ASN A 41 5.41 -17.84 -9.58
N VAL A 42 5.47 -16.61 -9.09
CA VAL A 42 4.61 -15.54 -9.60
C VAL A 42 5.35 -14.67 -10.60
N LEU A 43 6.64 -14.46 -10.37
CA LEU A 43 7.39 -13.42 -11.06
C LEU A 43 7.73 -13.82 -12.49
N LYS A 44 6.94 -14.76 -13.03
CA LYS A 44 6.94 -15.01 -14.47
C LYS A 44 6.14 -13.94 -15.21
N LYS A 45 6.50 -12.68 -14.99
CA LYS A 45 5.57 -11.57 -15.22
C LYS A 45 5.60 -11.12 -16.67
N LEU A 46 6.79 -11.15 -17.26
CA LEU A 46 6.95 -10.87 -18.69
C LEU A 46 6.98 -12.16 -19.50
N PRO A 47 6.57 -12.07 -20.76
CA PRO A 47 6.43 -13.26 -21.61
C PRO A 47 7.75 -13.62 -22.29
N LEU A 48 8.09 -12.91 -23.36
CA LEU A 48 8.73 -13.50 -24.51
C LEU A 48 10.21 -13.11 -24.59
N ASN A 49 10.96 -13.44 -23.54
CA ASN A 49 12.39 -13.20 -23.52
C ASN A 49 13.15 -14.26 -22.73
N ASP A 50 14.47 -14.22 -22.80
CA ASP A 50 15.31 -15.16 -22.07
C ASP A 50 15.72 -14.59 -20.72
N GLU A 51 14.91 -13.68 -20.19
CA GLU A 51 14.83 -13.47 -18.75
C GLU A 51 15.90 -12.49 -18.28
N ILE A 52 16.37 -11.65 -19.19
CA ILE A 52 17.56 -10.83 -18.95
C ILE A 52 17.23 -9.63 -18.06
N ARG A 53 16.04 -9.06 -18.26
CA ARG A 53 15.70 -7.79 -17.64
C ARG A 53 15.15 -8.00 -16.23
N LYS A 54 15.62 -9.05 -15.57
CA LYS A 54 14.75 -9.87 -14.74
C LYS A 54 15.48 -10.37 -13.49
N PRO A 55 16.31 -9.51 -12.91
CA PRO A 55 16.68 -9.63 -11.50
C PRO A 55 15.93 -8.64 -10.62
N VAL A 56 14.92 -7.99 -11.19
CA VAL A 56 13.73 -7.62 -10.44
C VAL A 56 13.24 -8.79 -9.58
N ILE A 57 13.19 -9.97 -10.18
CA ILE A 57 12.77 -11.17 -9.47
C ILE A 57 13.78 -11.56 -8.40
N GLU A 58 15.00 -11.05 -8.52
CA GLU A 58 16.05 -11.31 -7.55
C GLU A 58 16.05 -10.26 -6.43
N TYR A 59 15.75 -9.02 -6.79
CA TYR A 59 15.57 -7.95 -5.82
C TYR A 59 14.55 -8.35 -4.75
N TYR A 60 13.39 -8.78 -5.20
CA TYR A 60 12.26 -9.01 -4.31
C TYR A 60 12.30 -10.34 -3.58
N LEU A 61 13.16 -11.24 -4.02
CA LEU A 61 13.37 -12.44 -3.21
C LEU A 61 14.33 -12.05 -2.08
N ASN A 62 15.30 -11.26 -2.46
CA ASN A 62 16.17 -10.63 -1.47
C ASN A 62 15.37 -9.94 -0.37
N CYS A 63 14.51 -9.03 -0.82
CA CYS A 63 13.60 -8.27 0.04
C CYS A 63 12.94 -9.17 1.06
N ILE A 64 12.35 -10.24 0.53
CA ILE A 64 11.63 -11.20 1.36
C ILE A 64 12.52 -11.88 2.38
N ASP A 65 13.66 -12.43 1.98
CA ASP A 65 14.59 -13.02 2.95
C ASP A 65 14.93 -12.06 4.09
N TYR A 66 15.09 -10.77 3.76
CA TYR A 66 15.51 -9.77 4.73
C TYR A 66 14.40 -9.42 5.73
N ASN A 67 13.27 -9.00 5.18
CA ASN A 67 12.19 -8.48 6.01
C ASN A 67 11.29 -9.58 6.56
N VAL A 68 10.79 -10.42 5.67
CA VAL A 68 9.88 -11.51 6.00
C VAL A 68 10.56 -12.68 6.68
N LYS A 69 11.86 -12.77 6.48
CA LYS A 69 12.64 -13.92 6.94
C LYS A 69 13.24 -13.66 8.32
N LYS A 70 13.15 -12.41 8.78
CA LYS A 70 13.40 -12.09 10.18
C LYS A 70 12.14 -11.61 10.87
N GLY A 71 12.03 -11.94 12.16
CA GLY A 71 11.15 -11.20 13.06
C GLY A 71 10.33 -12.11 13.93
N LYS A 72 10.92 -13.22 14.35
CA LYS A 72 10.33 -14.07 15.38
C LYS A 72 9.15 -14.87 14.82
N HIS A 73 8.43 -14.27 13.88
CA HIS A 73 7.20 -14.86 13.36
C HIS A 73 6.21 -15.15 14.47
N ILE A 74 5.95 -14.16 15.31
CA ILE A 74 4.99 -14.29 16.41
C ILE A 74 3.58 -14.46 15.88
N ARG A 75 3.21 -13.61 14.93
CA ARG A 75 1.80 -13.44 14.56
C ARG A 75 1.35 -14.57 13.64
N GLY A 76 2.21 -14.96 12.71
CA GLY A 76 1.97 -16.13 11.89
C GLY A 76 1.84 -17.40 12.71
N LYS A 77 2.68 -17.53 13.73
CA LYS A 77 2.49 -18.55 14.75
C LYS A 77 1.05 -18.57 15.26
N ILE A 78 0.61 -17.44 15.80
CA ILE A 78 -0.74 -17.33 16.35
C ILE A 78 -1.81 -17.83 15.39
N LEU A 79 -1.77 -17.47 14.12
CA LEU A 79 -2.75 -18.00 13.17
C LEU A 79 -2.61 -19.52 13.02
N VAL A 80 -1.38 -19.99 12.82
CA VAL A 80 -1.17 -21.44 12.69
C VAL A 80 -1.55 -22.15 13.98
N LEU A 81 -1.20 -21.55 15.11
CA LEU A 81 -1.62 -22.11 16.40
C LEU A 81 -3.14 -22.23 16.40
N ILE A 82 -3.84 -21.11 16.47
CA ILE A 82 -5.29 -21.08 16.47
C ILE A 82 -5.92 -21.95 15.38
N SER A 83 -5.21 -22.16 14.29
CA SER A 83 -5.75 -22.90 13.15
C SER A 83 -5.72 -24.40 13.41
N SER A 84 -4.84 -24.82 14.30
CA SER A 84 -4.51 -26.24 14.45
C SER A 84 -5.30 -26.88 15.59
N LEU A 85 -6.20 -26.11 16.19
CA LEU A 85 -6.96 -26.58 17.34
C LEU A 85 -8.46 -26.49 17.09
N SER A 86 -8.91 -25.31 16.68
CA SER A 86 -10.32 -25.11 16.33
C SER A 86 -10.76 -26.13 15.28
N SER A 87 -9.83 -26.53 14.42
CA SER A 87 -10.11 -27.57 13.43
C SER A 87 -8.82 -28.24 12.96
N ALA A 88 -8.41 -29.29 13.67
CA ALA A 88 -7.16 -29.98 13.37
C ALA A 88 -7.08 -30.35 11.90
N TYR A 89 -5.91 -30.14 11.31
CA TYR A 89 -5.68 -30.52 9.92
C TYR A 89 -4.68 -31.66 9.81
N SER A 90 -4.62 -32.29 8.64
CA SER A 90 -3.96 -33.58 8.49
C SER A 90 -3.36 -33.74 7.10
N ASN A 91 -3.82 -32.91 6.18
CA ASN A 91 -3.25 -32.88 4.83
C ASN A 91 -3.85 -31.77 3.97
N ILE A 92 -2.99 -31.07 3.23
CA ILE A 92 -3.36 -30.54 1.92
C ILE A 92 -4.15 -29.25 2.04
N LYS A 93 -4.61 -28.95 3.24
CA LYS A 93 -5.01 -27.58 3.59
C LYS A 93 -3.96 -27.09 4.58
N ARG A 94 -3.33 -28.03 5.27
CA ARG A 94 -2.25 -27.70 6.21
C ARG A 94 -1.31 -26.67 5.60
N ASP A 95 -1.08 -26.77 4.30
CA ASP A 95 -0.07 -25.95 3.63
C ASP A 95 -0.64 -24.58 3.27
N SER A 96 -1.95 -24.51 3.08
CA SER A 96 -2.63 -23.25 2.78
C SER A 96 -2.62 -22.33 4.00
N ILE A 97 -2.31 -22.93 5.14
CA ILE A 97 -2.31 -22.26 6.44
C ILE A 97 -0.95 -21.67 6.75
N TYR A 98 0.06 -22.50 6.53
CA TYR A 98 1.45 -22.08 6.62
C TYR A 98 1.62 -20.86 5.73
N LEU A 99 1.31 -21.04 4.45
CA LEU A 99 1.32 -19.96 3.46
C LEU A 99 0.75 -18.65 3.98
N LEU A 100 -0.50 -18.70 4.46
CA LEU A 100 -1.09 -17.46 4.97
C LEU A 100 -0.29 -16.91 6.15
N GLY A 101 0.26 -17.80 6.97
CA GLY A 101 1.02 -17.47 8.17
C GLY A 101 2.29 -16.71 7.82
N TRP A 102 2.75 -17.00 6.62
CA TRP A 102 3.88 -16.28 6.02
C TRP A 102 3.33 -15.08 5.28
N VAL A 103 2.03 -15.15 5.04
CA VAL A 103 1.42 -13.95 4.47
C VAL A 103 1.28 -12.92 5.59
N VAL A 104 0.77 -13.37 6.72
CA VAL A 104 0.71 -12.56 7.93
C VAL A 104 2.05 -11.85 8.18
N GLU A 105 3.13 -12.60 8.24
CA GLU A 105 4.49 -12.12 8.44
C GLU A 105 4.95 -11.11 7.40
N ALA A 106 4.53 -11.35 6.15
CA ALA A 106 4.82 -10.44 5.05
C ALA A 106 4.03 -9.15 5.24
N ILE A 107 2.78 -9.29 5.66
CA ILE A 107 1.95 -8.16 6.05
C ILE A 107 2.57 -7.38 7.21
N GLN A 108 2.87 -8.06 8.31
CA GLN A 108 3.49 -7.37 9.42
C GLN A 108 4.71 -6.64 8.94
N ALA A 109 5.61 -7.34 8.27
CA ALA A 109 6.83 -6.70 7.80
C ALA A 109 6.56 -5.40 7.06
N LEU A 110 5.65 -5.40 6.10
CA LEU A 110 5.46 -4.16 5.33
C LEU A 110 5.02 -3.03 6.25
N ILE A 111 4.26 -3.37 7.28
CA ILE A 111 3.78 -2.40 8.26
C ILE A 111 4.97 -1.71 8.92
N LEU A 112 5.93 -2.51 9.38
CA LEU A 112 7.06 -1.96 10.13
C LEU A 112 8.16 -1.39 9.24
N ILE A 113 8.13 -1.67 7.94
CA ILE A 113 9.00 -0.95 7.00
C ILE A 113 8.52 0.50 6.96
N ALA A 114 7.20 0.64 6.86
CA ALA A 114 6.52 1.93 6.90
C ALA A 114 6.85 2.65 8.20
N ASP A 115 6.52 2.00 9.30
CA ASP A 115 6.81 2.42 10.66
C ASP A 115 8.24 2.92 10.80
N ASP A 116 9.22 2.07 10.44
CA ASP A 116 10.60 2.47 10.63
C ASP A 116 10.91 3.72 9.83
N ILE A 117 10.17 3.94 8.74
CA ILE A 117 10.45 5.18 8.02
C ILE A 117 9.92 6.38 8.83
N MET A 118 8.62 6.37 9.04
CA MET A 118 7.96 7.44 9.77
C MET A 118 8.71 7.77 11.07
N ASP A 119 9.12 6.73 11.82
CA ASP A 119 9.82 6.95 13.08
C ASP A 119 11.34 7.05 12.95
N SER A 120 11.88 7.29 11.76
CA SER A 120 13.31 7.37 11.54
C SER A 120 14.09 6.25 12.23
N GLY A 121 13.49 5.08 12.38
CA GLY A 121 14.10 3.98 13.11
C GLY A 121 15.46 3.60 12.56
N LYS A 122 16.20 2.81 13.34
CA LYS A 122 17.55 2.42 12.94
C LYS A 122 17.59 0.93 12.60
N PHE A 123 16.86 0.18 13.42
CA PHE A 123 17.07 -1.27 13.51
C PHE A 123 15.74 -1.99 13.68
N ARG A 124 15.74 -3.25 13.26
CA ARG A 124 14.59 -4.12 13.37
C ARG A 124 14.91 -5.52 12.86
N ARG A 125 14.41 -6.54 13.56
CA ARG A 125 14.70 -7.94 13.23
C ARG A 125 16.20 -8.21 13.26
N GLY A 126 16.95 -7.38 13.97
CA GLY A 126 18.39 -7.46 14.09
C GLY A 126 19.08 -6.59 13.06
N ALA A 127 18.62 -6.69 11.81
CA ALA A 127 19.28 -5.94 10.75
C ALA A 127 18.82 -4.48 10.78
N PRO A 128 19.63 -3.62 10.20
CA PRO A 128 19.25 -2.21 10.05
C PRO A 128 17.95 -2.09 9.26
N CYS A 129 17.45 -0.88 9.08
CA CYS A 129 16.16 -0.67 8.45
C CYS A 129 16.33 -0.73 6.93
N TRP A 130 15.35 -1.33 6.27
CA TRP A 130 15.34 -1.50 4.82
C TRP A 130 15.40 -0.12 4.15
N TYR A 131 14.61 0.83 4.64
CA TYR A 131 14.67 2.18 4.11
C TYR A 131 16.05 2.80 4.24
N ILE A 132 16.84 2.30 5.18
CA ILE A 132 18.20 2.76 5.36
C ILE A 132 19.10 2.19 4.26
N VAL A 133 19.05 0.87 4.12
CA VAL A 133 19.88 0.17 3.15
C VAL A 133 19.52 0.51 1.70
N HIS A 134 18.27 0.35 1.30
CA HIS A 134 17.85 0.51 -0.09
C HIS A 134 17.22 1.87 -0.34
N GLY A 135 17.50 2.86 0.50
CA GLY A 135 16.89 4.17 0.33
C GLY A 135 15.43 4.18 0.76
N GLN A 136 14.92 5.36 1.11
CA GLN A 136 13.52 5.43 1.51
C GLN A 136 12.61 5.32 0.30
N SER A 137 12.95 5.97 -0.82
CA SER A 137 12.12 5.85 -2.02
C SER A 137 11.85 4.40 -2.39
N ASN A 138 12.87 3.52 -2.28
CA ASN A 138 12.61 2.11 -2.58
C ASN A 138 11.76 1.49 -1.47
N ALA A 139 11.97 1.95 -0.25
CA ALA A 139 11.23 1.40 0.89
C ALA A 139 9.73 1.48 0.59
N ILE A 140 9.34 2.67 0.13
CA ILE A 140 7.93 2.92 -0.14
C ILE A 140 7.40 2.03 -1.26
N ASN A 141 8.19 1.81 -2.31
CA ASN A 141 7.72 0.87 -3.35
C ASN A 141 7.61 -0.57 -2.87
N ASP A 142 8.52 -0.99 -2.00
CA ASP A 142 8.61 -2.41 -1.62
C ASP A 142 7.50 -2.81 -0.65
N ILE A 143 7.01 -1.81 0.06
CA ILE A 143 5.90 -1.92 0.97
C ILE A 143 4.68 -2.46 0.25
N PHE A 144 4.37 -1.74 -0.83
CA PHE A 144 3.16 -2.09 -1.56
C PHE A 144 3.39 -3.25 -2.52
N PHE A 145 4.66 -3.54 -2.83
CA PHE A 145 5.01 -4.83 -3.39
C PHE A 145 4.58 -5.96 -2.44
N LEU A 146 4.96 -5.83 -1.18
CA LEU A 146 4.69 -6.88 -0.20
C LEU A 146 3.19 -6.99 0.06
N LYS A 147 2.53 -5.83 0.04
CA LYS A 147 1.09 -5.77 0.19
C LYS A 147 0.39 -6.47 -0.96
N MET A 148 0.82 -6.19 -2.18
CA MET A 148 0.21 -6.71 -3.39
C MET A 148 0.45 -8.21 -3.56
N LEU A 149 1.55 -8.72 -3.04
CA LEU A 149 1.82 -10.16 -3.08
C LEU A 149 0.98 -10.88 -2.05
N SER A 150 0.79 -10.15 -0.94
CA SER A 150 -0.04 -10.70 0.12
C SER A 150 -1.48 -10.77 -0.40
N LEU A 151 -1.95 -9.69 -1.00
CA LEU A 151 -3.30 -9.64 -1.55
C LEU A 151 -3.53 -10.79 -2.53
N SER A 152 -2.60 -10.96 -3.46
CA SER A 152 -2.74 -11.95 -4.52
C SER A 152 -2.46 -13.36 -4.01
N LEU A 153 -1.64 -13.45 -2.95
CA LEU A 153 -1.36 -14.73 -2.32
C LEU A 153 -2.56 -15.24 -1.53
N ILE A 154 -3.31 -14.31 -0.93
CA ILE A 154 -4.52 -14.65 -0.21
C ILE A 154 -5.58 -15.22 -1.14
N PHE A 155 -5.48 -14.88 -2.42
CA PHE A 155 -6.44 -15.33 -3.42
C PHE A 155 -6.13 -16.74 -3.88
N GLU A 156 -4.98 -17.26 -3.47
CA GLU A 156 -4.63 -18.65 -3.70
C GLU A 156 -5.58 -19.59 -2.97
N LEU A 157 -5.91 -19.25 -1.73
CA LEU A 157 -6.66 -20.14 -0.86
C LEU A 157 -7.91 -20.66 -1.56
N SER A 158 -8.49 -19.82 -2.41
CA SER A 158 -9.81 -20.10 -2.99
C SER A 158 -9.88 -21.51 -3.55
N SER A 159 -8.74 -22.01 -4.02
CA SER A 159 -8.66 -23.40 -4.48
C SER A 159 -8.97 -24.38 -3.36
N VAL A 160 -8.47 -24.08 -2.17
CA VAL A 160 -8.37 -25.08 -1.11
C VAL A 160 -9.49 -24.92 -0.09
N PHE A 161 -10.02 -23.70 0.01
CA PHE A 161 -10.82 -23.31 1.16
C PHE A 161 -12.18 -22.78 0.73
N GLY A 162 -12.32 -22.47 -0.55
CA GLY A 162 -13.59 -22.06 -1.12
C GLY A 162 -13.86 -20.57 -0.93
N ASN A 163 -14.84 -20.06 -1.66
CA ASN A 163 -14.84 -18.66 -2.05
C ASN A 163 -15.16 -17.80 -0.83
N ASP A 164 -16.15 -18.25 -0.05
CA ASP A 164 -16.69 -17.45 1.05
C ASP A 164 -15.72 -17.40 2.21
N ILE A 165 -14.98 -18.50 2.38
CA ILE A 165 -13.94 -18.55 3.40
C ILE A 165 -12.77 -17.65 3.03
N VAL A 166 -12.67 -17.26 1.76
CA VAL A 166 -11.54 -16.37 1.41
C VAL A 166 -12.02 -14.92 1.48
N MET A 167 -13.32 -14.76 1.24
CA MET A 167 -13.99 -13.47 1.37
C MET A 167 -14.02 -12.99 2.81
N LYS A 168 -14.20 -13.92 3.74
CA LYS A 168 -14.16 -13.63 5.16
C LYS A 168 -12.73 -13.30 5.59
N ILE A 169 -11.78 -13.92 4.88
CA ILE A 169 -10.36 -13.63 5.13
C ILE A 169 -10.01 -12.24 4.61
N GLN A 170 -10.57 -11.86 3.47
CA GLN A 170 -10.44 -10.53 2.92
C GLN A 170 -10.96 -9.48 3.91
N LYS A 171 -12.25 -9.57 4.21
CA LYS A 171 -12.93 -8.67 5.14
C LYS A 171 -12.08 -8.47 6.40
N ILE A 172 -11.40 -9.52 6.83
CA ILE A 172 -10.58 -9.43 8.04
C ILE A 172 -9.28 -8.68 7.76
N TYR A 173 -8.65 -8.98 6.63
CA TYR A 173 -7.45 -8.27 6.21
C TYR A 173 -7.72 -6.77 6.15
N ASN A 174 -8.82 -6.43 5.50
CA ASN A 174 -9.18 -5.03 5.32
C ASN A 174 -9.38 -4.32 6.64
N GLU A 175 -10.24 -4.85 7.51
CA GLU A 175 -10.55 -4.12 8.74
C GLU A 175 -9.29 -3.85 9.55
N SER A 176 -8.42 -4.86 9.68
CA SER A 176 -7.29 -4.79 10.59
C SER A 176 -6.23 -3.82 10.07
N ILE A 177 -5.97 -3.87 8.77
CA ILE A 177 -4.96 -3.01 8.16
C ILE A 177 -5.46 -1.57 8.08
N PHE A 178 -6.75 -1.40 7.88
CA PHE A 178 -7.38 -0.08 7.93
C PHE A 178 -7.28 0.52 9.32
N PHE A 179 -7.74 -0.23 10.31
CA PHE A 179 -7.63 0.18 11.71
C PHE A 179 -6.20 0.54 12.10
N THR A 180 -5.26 -0.34 11.77
CA THR A 180 -3.85 -0.05 11.99
C THR A 180 -3.46 1.28 11.38
N VAL A 181 -4.08 1.64 10.27
CA VAL A 181 -3.74 2.86 9.53
C VAL A 181 -4.29 4.11 10.20
N LEU A 182 -5.49 3.96 10.77
CA LEU A 182 -6.00 5.05 11.61
C LEU A 182 -5.22 5.10 12.92
N GLY A 183 -4.85 3.95 13.47
CA GLY A 183 -4.06 4.00 14.71
C GLY A 183 -2.72 4.65 14.43
N GLN A 184 -2.12 4.30 13.30
CA GLN A 184 -0.82 4.84 12.96
C GLN A 184 -0.93 6.34 12.69
N HIS A 185 -2.14 6.76 12.37
CA HIS A 185 -2.39 8.18 12.13
C HIS A 185 -2.43 8.95 13.44
N LEU A 186 -3.13 8.36 14.44
CA LEU A 186 -3.11 9.01 15.74
C LEU A 186 -1.69 9.12 16.29
N ASP A 187 -0.94 8.04 16.00
CA ASP A 187 0.44 8.02 16.47
C ASP A 187 1.22 9.17 15.88
N LEU A 188 0.88 9.53 14.65
CA LEU A 188 1.59 10.63 13.98
C LEU A 188 1.08 12.00 14.38
N SER A 189 -0.18 12.08 14.78
CA SER A 189 -0.89 13.33 14.99
C SER A 189 -0.14 14.32 15.89
N TYR A 190 0.16 15.48 15.30
CA TYR A 190 1.04 16.50 15.84
C TYR A 190 0.37 17.24 16.99
N PHE A 191 -0.90 16.93 17.23
CA PHE A 191 -1.66 17.73 18.18
C PHE A 191 -1.89 16.98 19.49
N ASP A 192 -0.80 16.75 20.22
CA ASP A 192 -0.88 16.46 21.64
C ASP A 192 -0.64 17.75 22.41
N LEU A 193 -1.48 18.03 23.40
CA LEU A 193 -1.58 19.38 23.97
C LEU A 193 -1.26 19.36 25.46
N SER A 194 -1.36 20.54 26.09
CA SER A 194 -0.86 20.72 27.45
C SER A 194 -1.92 20.32 28.47
N LYS A 195 -3.04 21.02 28.46
CA LYS A 195 -4.23 20.58 29.20
C LYS A 195 -4.85 19.35 28.57
N ALA A 196 -4.21 18.20 28.76
CA ALA A 196 -4.74 16.94 28.24
C ALA A 196 -5.01 15.95 29.38
N ASP A 197 -6.28 15.64 29.58
CA ASP A 197 -6.68 14.72 30.63
C ASP A 197 -7.36 13.48 30.07
N LYS A 198 -7.58 13.49 28.75
CA LYS A 198 -8.00 12.29 28.05
C LYS A 198 -6.81 11.52 27.50
N ILE A 199 -5.61 12.01 27.79
CA ILE A 199 -4.38 11.44 27.24
C ILE A 199 -4.40 9.91 27.36
N SER A 200 -4.82 9.42 28.52
CA SER A 200 -4.89 7.98 28.75
C SER A 200 -5.82 7.30 27.74
N GLU A 201 -6.80 8.05 27.26
CA GLU A 201 -7.82 7.49 26.37
C GLU A 201 -7.43 7.69 24.91
N ARG A 202 -6.69 8.77 24.63
CA ARG A 202 -6.06 8.89 23.32
C ARG A 202 -5.14 7.70 23.09
N TYR A 203 -4.26 7.46 24.06
CA TYR A 203 -3.20 6.48 23.97
C TYR A 203 -3.71 5.07 23.77
N PHE A 204 -4.54 4.61 24.71
CA PHE A 204 -4.90 3.20 24.78
C PHE A 204 -5.74 2.79 23.57
N SER A 205 -6.56 3.71 23.08
CA SER A 205 -7.51 3.40 22.02
C SER A 205 -6.88 3.56 20.65
N MET A 206 -5.81 4.36 20.58
CA MET A 206 -4.87 4.30 19.47
C MET A 206 -4.13 2.96 19.45
N VAL A 207 -3.52 2.61 20.58
CA VAL A 207 -2.87 1.33 20.72
C VAL A 207 -3.77 0.19 20.25
N GLU A 208 -5.08 0.34 20.45
CA GLU A 208 -5.98 -0.69 19.96
C GLU A 208 -5.98 -0.73 18.44
N MET A 209 -5.74 0.44 17.83
CA MET A 209 -5.83 0.55 16.38
C MET A 209 -4.46 0.18 15.83
N LYS A 210 -3.46 0.99 16.18
CA LYS A 210 -2.16 0.83 15.53
C LYS A 210 -1.38 -0.44 15.84
N THR A 211 -1.92 -1.30 16.69
CA THR A 211 -1.11 -2.39 17.25
C THR A 211 -1.87 -3.70 17.40
N SER A 212 -3.07 -3.64 17.97
CA SER A 212 -3.76 -4.83 18.43
C SER A 212 -4.50 -5.52 17.29
N ARG A 213 -4.91 -4.73 16.30
CA ARG A 213 -5.72 -5.23 15.19
C ARG A 213 -4.94 -6.24 14.35
N TYR A 214 -3.86 -5.79 13.74
CA TYR A 214 -3.04 -6.64 12.89
C TYR A 214 -2.25 -7.65 13.71
N THR A 215 -1.92 -7.28 14.94
CA THR A 215 -0.98 -8.04 15.75
C THR A 215 -1.64 -9.29 16.33
N PHE A 216 -2.93 -9.17 16.66
CA PHE A 216 -3.63 -10.21 17.40
C PHE A 216 -4.98 -10.52 16.79
N TYR A 217 -5.76 -9.47 16.53
CA TYR A 217 -7.05 -9.62 15.87
C TYR A 217 -6.93 -10.36 14.54
N MET A 218 -6.06 -9.85 13.67
CA MET A 218 -5.97 -10.33 12.31
C MET A 218 -5.59 -11.81 12.27
N PRO A 219 -4.48 -12.14 12.93
CA PRO A 219 -3.95 -13.52 12.91
C PRO A 219 -4.90 -14.49 13.59
N VAL A 220 -5.41 -14.12 14.75
CA VAL A 220 -6.28 -14.99 15.54
C VAL A 220 -7.59 -15.25 14.81
N PHE A 221 -8.06 -14.25 14.06
CA PHE A 221 -9.38 -14.30 13.45
C PHE A 221 -9.32 -14.84 12.03
N PHE A 222 -8.21 -14.56 11.34
CA PHE A 222 -7.68 -15.46 10.33
C PHE A 222 -7.75 -16.91 10.79
N GLY A 223 -7.10 -17.20 11.92
CA GLY A 223 -6.96 -18.56 12.40
C GLY A 223 -8.22 -19.39 12.15
N LEU A 224 -9.36 -18.89 12.61
CA LEU A 224 -10.55 -19.71 12.75
C LEU A 224 -11.57 -19.40 11.66
N THR A 225 -11.12 -18.69 10.63
CA THR A 225 -11.70 -18.84 9.30
C THR A 225 -11.23 -20.12 8.61
N LEU A 226 -9.91 -20.26 8.49
CA LEU A 226 -9.32 -21.50 8.03
C LEU A 226 -9.80 -22.63 8.94
N SER A 227 -9.68 -22.40 10.24
CA SER A 227 -10.18 -23.34 11.24
C SER A 227 -11.65 -23.66 11.01
N GLU A 228 -12.44 -22.61 10.77
CA GLU A 228 -13.85 -22.77 10.42
C GLU A 228 -14.59 -23.54 11.52
N ILE A 229 -13.99 -23.62 12.70
CA ILE A 229 -14.64 -24.21 13.86
C ILE A 229 -14.17 -23.55 15.16
N GLN A 230 -14.82 -23.90 16.26
CA GLN A 230 -16.24 -24.22 16.25
C GLN A 230 -17.08 -22.99 15.93
N VAL A 231 -18.40 -23.16 15.97
CA VAL A 231 -19.32 -22.05 15.74
C VAL A 231 -19.63 -21.32 17.04
N SER A 232 -18.68 -20.53 17.52
CA SER A 232 -18.85 -19.77 18.76
C SER A 232 -19.23 -18.32 18.46
N SER A 233 -20.27 -17.84 19.12
CA SER A 233 -20.91 -16.58 18.73
C SER A 233 -21.38 -15.80 19.96
N ALA A 234 -21.74 -14.54 19.76
CA ALA A 234 -22.47 -13.78 20.75
C ALA A 234 -21.59 -13.43 21.94
N GLN A 235 -21.09 -14.45 22.63
CA GLN A 235 -20.24 -14.25 23.81
C GLN A 235 -18.76 -14.26 23.38
N LEU A 236 -18.59 -14.39 22.08
CA LEU A 236 -17.32 -14.42 21.35
C LEU A 236 -16.75 -13.00 21.18
N ASN A 237 -17.30 -12.07 21.95
CA ASN A 237 -16.72 -10.75 22.09
C ASN A 237 -15.64 -10.85 23.17
N LEU A 238 -15.68 -12.03 23.81
CA LEU A 238 -14.71 -12.40 24.82
C LEU A 238 -13.31 -12.49 24.23
N ILE A 239 -13.18 -13.24 23.13
CA ILE A 239 -11.83 -13.35 22.57
C ILE A 239 -11.36 -12.00 22.06
N GLU A 240 -12.25 -11.19 21.50
CA GLU A 240 -11.81 -9.87 21.05
C GLU A 240 -11.45 -8.98 22.22
N ALA A 241 -11.81 -9.38 23.45
CA ALA A 241 -11.47 -8.66 24.67
C ALA A 241 -10.11 -9.07 25.23
N ILE A 242 -9.71 -10.29 24.87
CA ILE A 242 -8.39 -10.79 25.22
C ILE A 242 -7.33 -10.28 24.25
N LEU A 243 -7.64 -10.32 22.96
CA LEU A 243 -6.73 -9.84 21.93
C LEU A 243 -6.46 -8.35 22.10
N TYR A 244 -7.45 -7.62 22.59
CA TYR A 244 -7.28 -6.21 22.89
C TYR A 244 -6.21 -6.00 23.95
N LYS A 245 -6.16 -6.89 24.94
CA LYS A 245 -5.38 -6.67 26.14
C LYS A 245 -3.97 -7.21 25.99
N LEU A 246 -3.85 -8.44 25.48
CA LEU A 246 -2.66 -8.87 24.76
C LEU A 246 -2.09 -7.74 23.90
N GLY A 247 -2.97 -7.07 23.15
CA GLY A 247 -2.56 -5.99 22.29
C GLY A 247 -1.79 -4.92 23.03
N GLU A 248 -2.46 -4.23 23.93
CA GLU A 248 -1.85 -3.12 24.66
C GLU A 248 -0.82 -3.61 25.66
N PHE A 249 -1.00 -4.85 26.13
CA PHE A 249 0.05 -5.56 26.84
C PHE A 249 1.38 -5.45 26.10
N TYR A 250 1.34 -5.77 24.80
CA TYR A 250 2.50 -5.61 23.92
C TYR A 250 2.93 -4.15 23.85
N GLN A 251 2.12 -3.34 23.18
CA GLN A 251 2.48 -1.95 22.91
C GLN A 251 3.05 -1.28 24.15
N VAL A 252 2.48 -1.65 25.30
CA VAL A 252 2.86 -1.00 26.55
C VAL A 252 4.19 -1.55 27.05
N HIS A 253 4.56 -2.75 26.59
CA HIS A 253 5.88 -3.28 26.89
C HIS A 253 6.93 -2.65 25.97
N ASN A 254 6.57 -2.50 24.70
CA ASN A 254 7.48 -1.95 23.71
C ASN A 254 7.84 -0.49 23.99
N ASP A 255 6.90 0.22 24.60
CA ASP A 255 7.10 1.63 24.92
C ASP A 255 8.04 1.84 26.10
N VAL A 256 7.90 0.97 27.10
CA VAL A 256 8.74 1.02 28.29
C VAL A 256 10.18 0.71 27.90
N SER A 257 10.35 -0.40 27.19
CA SER A 257 11.67 -0.82 26.76
C SER A 257 12.43 0.26 26.00
N ASP A 258 11.69 1.26 25.54
CA ASP A 258 12.28 2.37 24.79
C ASP A 258 12.78 3.42 25.77
N TYR A 259 12.04 3.57 26.86
CA TYR A 259 12.40 4.56 27.88
C TYR A 259 13.57 4.01 28.68
N LEU A 260 13.58 2.69 28.81
CA LEU A 260 14.55 1.92 29.55
C LEU A 260 15.82 1.63 28.74
N PHE A 261 15.63 1.37 27.45
CA PHE A 261 16.66 0.67 26.67
C PHE A 261 16.85 1.33 25.31
N ASN A 262 17.15 2.62 25.32
CA ASN A 262 17.98 3.22 24.29
C ASN A 262 18.48 4.61 24.68
N ASP A 263 19.73 4.92 24.35
CA ASP A 263 20.41 6.06 24.93
C ASP A 263 20.91 7.01 23.83
N SER A 264 20.30 6.91 22.66
CA SER A 264 20.82 7.58 21.47
C SER A 264 20.71 9.10 21.62
N ASN A 265 20.97 9.81 20.52
CA ASN A 265 20.85 11.26 20.50
C ASN A 265 19.56 11.72 19.84
N ALA A 266 18.69 10.77 19.52
CA ALA A 266 17.26 11.06 19.35
C ALA A 266 16.46 9.78 19.23
N ASP A 267 15.59 9.54 20.22
CA ASP A 267 14.55 8.53 20.09
C ASP A 267 13.16 9.12 20.34
N ASP A 268 12.48 8.62 21.35
CA ASP A 268 11.02 8.53 21.33
C ASP A 268 10.39 9.84 21.77
N ILE A 269 10.88 10.38 22.88
CA ILE A 269 10.28 11.58 23.48
C ILE A 269 10.96 12.85 22.98
N CYS A 270 12.12 12.68 22.35
CA CYS A 270 12.54 13.59 21.28
C CYS A 270 11.37 13.93 20.35
N ARG A 271 10.84 12.92 19.69
CA ARG A 271 9.50 13.02 19.09
C ARG A 271 8.45 13.35 20.14
N PHE A 272 7.34 13.93 19.70
CA PHE A 272 6.13 13.96 20.51
C PHE A 272 5.36 12.64 20.42
N LYS A 273 5.83 11.65 21.16
CA LYS A 273 5.36 10.28 20.98
C LYS A 273 4.44 9.85 22.13
N LEU A 274 3.15 9.71 21.84
CA LEU A 274 2.17 9.41 22.87
C LEU A 274 2.31 7.97 23.38
N THR A 275 2.97 7.91 24.53
CA THR A 275 3.44 6.69 25.16
C THR A 275 2.84 6.36 26.50
N TRP A 276 3.08 5.13 26.93
CA TRP A 276 2.58 4.69 28.22
C TRP A 276 3.26 5.41 29.39
N PRO A 277 4.59 5.44 29.46
CA PRO A 277 5.24 6.18 30.54
C PRO A 277 4.93 7.66 30.53
N LEU A 278 4.36 8.18 29.44
CA LEU A 278 4.04 9.61 29.43
C LEU A 278 2.64 9.90 29.90
N GLN A 279 1.73 8.92 29.77
CA GLN A 279 0.32 9.15 30.05
C GLN A 279 0.02 8.93 31.53
N LYS A 280 0.78 8.04 32.17
CA LYS A 280 0.54 7.69 33.56
C LYS A 280 1.58 8.35 34.46
N SER A 281 2.58 8.98 33.86
CA SER A 281 3.27 10.11 34.48
C SER A 281 2.38 11.36 34.47
N PHE A 282 1.28 11.28 33.74
CA PHE A 282 0.31 12.38 33.71
C PHE A 282 -0.91 12.06 34.55
N GLU A 283 -0.89 10.90 35.21
CA GLU A 283 -1.94 10.54 36.15
C GLU A 283 -1.38 10.43 37.56
N ILE A 284 -0.11 10.78 37.71
CA ILE A 284 0.53 10.70 39.01
C ILE A 284 1.29 11.98 39.35
N ALA A 285 1.69 12.72 38.31
CA ALA A 285 2.58 13.86 38.49
C ALA A 285 1.81 15.08 39.00
N ASP A 286 2.55 16.10 39.41
CA ASP A 286 1.94 17.33 39.92
C ASP A 286 1.94 18.42 38.86
N GLU A 287 1.27 19.53 39.17
CA GLU A 287 1.40 20.75 38.38
C GLU A 287 2.85 21.00 37.99
N GLU A 288 3.75 20.84 38.96
CA GLU A 288 5.16 21.17 38.76
C GLU A 288 5.83 20.18 37.83
N MET A 289 5.53 18.90 38.02
CA MET A 289 6.09 17.84 37.18
C MET A 289 5.55 17.94 35.76
N LYS A 290 4.24 18.12 35.63
CA LYS A 290 3.59 18.11 34.33
C LYS A 290 4.04 19.29 33.47
N LEU A 291 4.66 20.27 34.12
CA LEU A 291 5.36 21.33 33.41
C LEU A 291 6.75 20.90 32.97
N LYS A 292 7.33 19.96 33.72
CA LYS A 292 8.57 19.33 33.32
C LYS A 292 8.43 18.60 31.99
N ILE A 293 7.63 17.55 31.99
CA ILE A 293 7.34 16.80 30.76
C ILE A 293 7.01 17.75 29.61
N SER A 294 5.92 18.49 29.75
CA SER A 294 5.39 19.29 28.65
C SER A 294 6.51 19.91 27.82
N GLU A 295 7.62 20.22 28.48
CA GLU A 295 8.57 21.19 27.96
C GLU A 295 9.66 20.50 27.13
N ASN A 296 10.54 19.77 27.82
CA ASN A 296 11.66 19.10 27.16
C ASN A 296 11.23 17.83 26.45
N TYR A 297 9.93 17.61 26.35
CA TYR A 297 9.37 16.63 25.43
C TYR A 297 9.53 17.08 23.98
N GLY A 298 10.26 16.29 23.20
CA GLY A 298 10.63 16.70 21.86
C GLY A 298 12.03 17.27 21.81
N LYS A 299 12.64 17.44 22.99
CA LYS A 299 13.88 18.19 23.10
C LYS A 299 14.90 17.51 24.02
N ASN A 300 14.52 17.33 25.28
CA ASN A 300 15.39 16.69 26.26
C ASN A 300 14.80 15.40 26.81
N SER A 301 15.21 14.27 26.22
CA SER A 301 14.66 12.98 26.60
C SER A 301 15.25 12.50 27.92
N SER A 302 16.54 12.75 28.11
CA SER A 302 17.18 12.53 29.41
C SER A 302 16.47 13.18 30.60
N LEU A 303 16.22 14.50 30.50
CA LEU A 303 15.53 15.23 31.56
C LEU A 303 14.11 14.73 31.75
N VAL A 304 13.46 14.38 30.66
CA VAL A 304 12.12 13.83 30.72
C VAL A 304 12.21 12.39 31.24
N LYS A 305 13.25 11.69 30.82
CA LYS A 305 13.53 10.36 31.34
C LYS A 305 13.83 10.40 32.83
N ASP A 306 14.46 11.49 33.27
CA ASP A 306 14.76 11.69 34.69
C ASP A 306 13.46 11.72 35.51
N CYS A 307 12.59 12.65 35.18
CA CYS A 307 11.28 12.74 35.84
C CYS A 307 10.64 11.37 35.88
N TYR A 308 10.80 10.65 34.77
CA TYR A 308 10.32 9.29 34.62
C TYR A 308 10.90 8.40 35.73
N ASN A 309 12.22 8.47 35.90
CA ASN A 309 12.88 7.80 37.01
C ASN A 309 12.29 8.19 38.37
N LEU A 310 12.26 9.50 38.63
CA LEU A 310 11.77 10.01 39.89
C LEU A 310 10.52 9.24 40.35
N LEU A 311 9.46 9.32 39.55
CA LEU A 311 8.26 8.55 39.81
C LEU A 311 8.42 7.10 39.33
N LYS A 312 9.67 6.71 39.09
CA LYS A 312 9.97 5.35 38.64
C LYS A 312 8.96 4.67 37.73
N ILE A 313 8.94 5.08 36.47
CA ILE A 313 7.96 4.58 35.51
C ILE A 313 7.81 3.07 35.50
N ASN A 314 8.92 2.36 35.67
CA ASN A 314 8.93 0.90 35.56
C ASN A 314 8.54 0.22 36.86
N GLU A 315 8.38 1.02 37.92
CA GLU A 315 7.64 0.59 39.10
C GLU A 315 6.18 0.24 38.83
N HIS A 316 5.38 1.25 38.50
CA HIS A 316 3.98 1.04 38.17
C HIS A 316 3.88 0.13 36.95
N TYR A 317 4.87 0.20 36.09
CA TYR A 317 4.94 -0.68 34.92
C TYR A 317 4.85 -2.12 35.41
N LEU A 318 5.49 -2.37 36.55
CA LEU A 318 5.47 -3.72 37.12
C LEU A 318 4.11 -4.01 37.76
N GLU A 319 3.32 -2.96 37.96
CA GLU A 319 1.96 -3.11 38.47
C GLU A 319 0.99 -3.44 37.34
N TYR A 320 0.96 -2.57 36.33
CA TYR A 320 0.27 -2.89 35.08
C TYR A 320 0.29 -4.38 34.79
N GLN A 321 1.45 -5.00 35.01
CA GLN A 321 1.78 -6.26 34.35
C GLN A 321 0.96 -7.41 34.94
N ARG A 322 0.58 -7.28 36.20
CA ARG A 322 0.08 -8.41 36.96
C ARG A 322 -1.45 -8.41 37.01
N ASN A 323 -2.04 -7.22 37.03
CA ASN A 323 -3.43 -7.03 36.65
C ASN A 323 -3.65 -7.29 35.16
N ALA A 324 -2.66 -6.90 34.35
CA ALA A 324 -2.73 -7.14 32.92
C ALA A 324 -2.59 -8.63 32.59
N LEU A 325 -2.04 -9.40 33.52
CA LEU A 325 -2.02 -10.85 33.39
C LEU A 325 -3.12 -11.49 34.21
N ASP A 326 -3.43 -10.88 35.36
CA ASP A 326 -4.60 -11.28 36.14
C ASP A 326 -5.88 -11.23 35.31
N TYR A 327 -6.06 -10.12 34.60
CA TYR A 327 -7.28 -9.89 33.85
C TYR A 327 -7.40 -10.85 32.66
N LEU A 328 -6.29 -11.06 31.97
CA LEU A 328 -6.21 -12.08 30.93
C LEU A 328 -6.47 -13.46 31.49
N ILE A 329 -5.94 -13.72 32.68
CA ILE A 329 -6.07 -15.03 33.32
C ILE A 329 -7.54 -15.40 33.53
N LYS A 330 -8.29 -14.49 34.16
CA LYS A 330 -9.63 -14.81 34.63
C LYS A 330 -10.61 -14.93 33.46
N LEU A 331 -10.33 -14.17 32.39
CA LEU A 331 -11.15 -14.24 31.19
C LEU A 331 -10.73 -15.39 30.30
N VAL A 332 -9.51 -15.88 30.50
CA VAL A 332 -9.11 -17.19 29.99
C VAL A 332 -10.10 -18.27 30.42
N LYS A 333 -10.18 -18.50 31.72
CA LYS A 333 -11.12 -19.46 32.27
C LYS A 333 -12.56 -18.93 32.20
N ASP A 334 -12.91 -18.34 31.05
CA ASP A 334 -14.29 -18.12 30.70
C ASP A 334 -14.55 -18.41 29.23
N ILE A 335 -13.63 -19.13 28.61
CA ILE A 335 -13.80 -19.59 27.24
C ILE A 335 -14.76 -20.77 27.17
N THR A 336 -15.78 -20.65 26.31
CA THR A 336 -16.60 -21.81 25.92
C THR A 336 -15.85 -22.99 25.32
N ASP A 337 -14.63 -22.79 24.86
CA ASP A 337 -13.91 -23.87 24.19
C ASP A 337 -12.77 -24.44 25.02
N ASP A 338 -13.09 -25.34 25.94
CA ASP A 338 -12.07 -26.01 26.74
C ASP A 338 -10.76 -26.22 25.98
N SER A 339 -10.86 -26.49 24.69
CA SER A 339 -9.67 -26.64 23.87
C SER A 339 -9.14 -25.29 23.40
N LEU A 340 -10.05 -24.35 23.16
CA LEU A 340 -9.65 -23.00 22.83
C LEU A 340 -9.38 -22.16 24.07
N GLN A 341 -9.87 -22.61 25.21
CA GLN A 341 -9.44 -22.06 26.50
C GLN A 341 -7.93 -22.13 26.66
N LYS A 342 -7.34 -23.25 26.26
CA LYS A 342 -5.94 -23.54 26.55
C LYS A 342 -5.03 -22.94 25.48
N VAL A 343 -5.58 -22.77 24.28
CA VAL A 343 -4.87 -22.10 23.20
C VAL A 343 -4.52 -20.66 23.58
N PHE A 344 -5.54 -19.89 23.96
CA PHE A 344 -5.32 -18.60 24.56
C PHE A 344 -4.48 -18.61 25.83
N ILE A 345 -4.62 -19.63 26.68
CA ILE A 345 -3.71 -19.73 27.81
C ILE A 345 -2.28 -19.97 27.36
N HIS A 346 -2.12 -20.84 26.37
CA HIS A 346 -0.86 -20.95 25.65
C HIS A 346 -0.42 -19.60 25.09
N LEU A 347 -1.29 -18.97 24.32
CA LEU A 347 -1.02 -17.66 23.75
C LEU A 347 -0.56 -16.67 24.82
N ILE A 348 -1.42 -16.43 25.80
CA ILE A 348 -1.12 -15.50 26.87
C ILE A 348 0.23 -15.81 27.51
N HIS A 349 0.65 -17.06 27.41
CA HIS A 349 1.84 -17.53 28.13
C HIS A 349 3.12 -17.13 27.41
N GLN A 350 3.15 -17.40 26.10
CA GLN A 350 4.32 -17.06 25.29
C GLN A 350 4.49 -15.55 25.15
N ILE A 351 3.37 -14.85 24.99
CA ILE A 351 3.38 -13.39 24.97
C ILE A 351 4.09 -12.82 26.19
N SER A 352 3.63 -13.20 27.37
CA SER A 352 4.30 -12.83 28.61
C SER A 352 5.78 -13.16 28.56
N GLU A 353 6.10 -14.44 28.45
CA GLU A 353 7.48 -14.90 28.31
C GLU A 353 8.23 -14.04 27.30
N LEU A 354 7.62 -13.82 26.14
CA LEU A 354 8.24 -13.07 25.06
C LEU A 354 8.52 -11.63 25.50
N ILE A 355 7.58 -11.05 26.24
CA ILE A 355 7.80 -9.76 26.87
C ILE A 355 8.78 -9.87 28.03
N THR A 356 8.80 -11.04 28.66
CA THR A 356 9.80 -11.33 29.69
C THR A 356 11.00 -12.06 29.09
N ASN A 357 11.93 -11.30 28.51
CA ASN A 357 13.13 -11.87 27.93
C ASN A 357 14.33 -10.94 28.05
N TYR B 23 -17.72 14.31 -22.41
CA TYR B 23 -19.14 14.00 -22.46
C TYR B 23 -19.80 14.24 -21.10
N ASP B 24 -20.85 13.47 -20.81
CA ASP B 24 -21.42 13.41 -19.47
C ASP B 24 -21.58 11.97 -19.00
N TYR B 25 -21.07 11.69 -17.80
CA TYR B 25 -19.85 12.34 -17.31
C TYR B 25 -20.17 13.42 -16.28
N THR B 26 -21.06 14.33 -16.66
CA THR B 26 -22.15 14.76 -15.77
C THR B 26 -23.28 13.74 -15.77
N ASP B 27 -23.24 12.80 -14.83
CA ASP B 27 -23.02 13.13 -13.43
C ASP B 27 -22.30 12.00 -12.70
N PHE B 28 -21.23 11.51 -13.31
CA PHE B 28 -20.21 10.76 -12.57
C PHE B 28 -19.42 11.68 -11.64
N ILE B 29 -19.20 12.91 -12.09
CA ILE B 29 -18.52 13.91 -11.27
C ILE B 29 -19.38 14.35 -10.10
N ASN B 30 -20.68 14.43 -10.33
CA ASN B 30 -21.62 14.96 -9.33
C ASN B 30 -21.92 13.94 -8.25
N TYR B 31 -21.53 12.69 -8.48
CA TYR B 31 -21.68 11.64 -7.48
C TYR B 31 -20.57 11.70 -6.46
N TYR B 32 -19.62 12.61 -6.65
CA TYR B 32 -18.53 12.80 -5.71
C TYR B 32 -19.04 13.06 -4.30
N ASP B 33 -20.09 13.87 -4.20
CA ASP B 33 -20.78 14.07 -2.93
C ASP B 33 -21.17 12.74 -2.29
N LYS B 34 -22.01 11.99 -2.99
CA LYS B 34 -22.50 10.71 -2.48
C LYS B 34 -21.33 9.76 -2.18
N PHE B 35 -20.24 9.94 -2.91
CA PHE B 35 -19.03 9.14 -2.69
C PHE B 35 -18.37 9.50 -1.35
N LYS B 36 -18.41 10.79 -1.01
CA LYS B 36 -17.86 11.24 0.27
C LYS B 36 -18.66 10.67 1.44
N VAL B 37 -19.98 10.74 1.34
CA VAL B 37 -20.86 10.25 2.40
C VAL B 37 -20.56 8.79 2.74
N ILE B 38 -20.24 8.01 1.71
CA ILE B 38 -20.01 6.58 1.89
C ILE B 38 -18.68 6.31 2.56
N VAL B 39 -17.73 7.23 2.40
CA VAL B 39 -16.45 7.16 3.09
C VAL B 39 -16.60 7.57 4.55
N TYR B 40 -17.36 8.63 4.79
CA TYR B 40 -17.64 9.09 6.14
C TYR B 40 -18.29 7.99 6.97
N ASN B 41 -19.11 7.18 6.32
CA ASN B 41 -19.84 6.12 7.01
C ASN B 41 -18.97 4.87 7.22
N VAL B 42 -17.97 4.70 6.36
CA VAL B 42 -16.89 3.76 6.63
C VAL B 42 -16.06 4.19 7.84
N LEU B 43 -16.22 5.44 8.23
CA LEU B 43 -15.33 6.04 9.23
C LEU B 43 -16.04 6.17 10.58
N LYS B 44 -16.91 5.20 10.88
CA LYS B 44 -17.56 5.13 12.18
C LYS B 44 -16.85 4.13 13.10
N LYS B 45 -15.81 4.61 13.79
CA LYS B 45 -14.73 3.73 14.21
C LYS B 45 -15.01 3.14 15.60
N LEU B 46 -15.34 4.02 16.55
CA LEU B 46 -15.02 5.42 16.43
C LEU B 46 -14.04 5.87 17.51
N PRO B 55 -12.26 14.36 13.83
CA PRO B 55 -10.84 14.73 13.93
C PRO B 55 -10.00 13.92 12.94
N VAL B 56 -10.02 12.60 13.09
CA VAL B 56 -9.40 11.78 12.05
C VAL B 56 -10.30 11.84 10.82
N ILE B 57 -11.60 11.67 11.08
CA ILE B 57 -12.64 11.78 10.06
C ILE B 57 -12.42 13.02 9.20
N GLU B 58 -12.32 14.18 9.83
CA GLU B 58 -12.09 15.41 9.08
C GLU B 58 -10.69 15.45 8.49
N TYR B 59 -9.79 14.63 9.04
CA TYR B 59 -8.47 14.56 8.40
C TYR B 59 -8.59 13.93 7.02
N TYR B 60 -9.20 12.76 7.01
CA TYR B 60 -9.22 11.88 5.85
C TYR B 60 -10.27 12.28 4.84
N LEU B 61 -11.29 13.03 5.26
CA LEU B 61 -12.26 13.59 4.33
C LEU B 61 -11.58 14.66 3.48
N ASN B 62 -10.69 15.44 4.09
CA ASN B 62 -9.90 16.43 3.39
C ASN B 62 -8.78 15.79 2.58
N CYS B 63 -8.20 14.67 3.01
CA CYS B 63 -7.22 13.91 2.23
C CYS B 63 -7.80 13.63 0.84
N ILE B 64 -8.98 13.05 0.83
CA ILE B 64 -9.74 12.73 -0.37
C ILE B 64 -10.14 13.97 -1.15
N ASP B 65 -10.55 15.05 -0.48
CA ASP B 65 -10.87 16.24 -1.28
C ASP B 65 -9.58 16.78 -1.93
N TYR B 66 -8.53 16.78 -1.12
CA TYR B 66 -7.25 17.35 -1.54
C TYR B 66 -6.65 16.57 -2.70
N ASN B 67 -6.84 15.26 -2.69
CA ASN B 67 -6.08 14.36 -3.55
C ASN B 67 -6.96 13.69 -4.61
N VAL B 68 -8.21 13.43 -4.25
CA VAL B 68 -9.10 12.63 -5.08
C VAL B 68 -10.08 13.51 -5.85
N LYS B 69 -10.53 14.59 -5.21
CA LYS B 69 -11.47 15.52 -5.82
C LYS B 69 -10.80 16.33 -6.93
N LYS B 70 -9.47 16.45 -6.84
CA LYS B 70 -8.74 17.42 -7.65
C LYS B 70 -8.18 16.76 -8.91
N GLY B 71 -8.61 17.25 -10.07
CA GLY B 71 -7.94 16.94 -11.32
C GLY B 71 -8.92 16.54 -12.41
N LYS B 72 -8.43 15.78 -13.39
CA LYS B 72 -9.17 15.53 -14.62
C LYS B 72 -10.08 14.31 -14.47
N HIS B 73 -9.65 13.36 -13.65
CA HIS B 73 -10.44 12.17 -13.37
C HIS B 73 -10.53 11.27 -14.60
N ILE B 74 -9.46 11.25 -15.40
CA ILE B 74 -9.48 10.59 -16.70
C ILE B 74 -9.71 9.09 -16.57
N ARG B 75 -9.23 8.53 -15.46
CA ARG B 75 -9.17 7.08 -15.31
C ARG B 75 -10.47 6.53 -14.75
N GLY B 76 -11.15 7.32 -13.93
CA GLY B 76 -12.51 7.02 -13.54
C GLY B 76 -13.52 7.38 -14.61
N LYS B 77 -13.18 8.37 -15.43
CA LYS B 77 -13.98 8.71 -16.61
C LYS B 77 -14.07 7.52 -17.55
N ILE B 78 -12.92 6.90 -17.78
CA ILE B 78 -12.77 5.70 -18.59
C ILE B 78 -13.52 4.50 -18.07
N LEU B 79 -13.68 4.39 -16.75
CA LEU B 79 -14.38 3.28 -16.15
C LEU B 79 -15.86 3.30 -16.52
N VAL B 80 -16.45 4.48 -16.51
CA VAL B 80 -17.86 4.64 -16.87
C VAL B 80 -18.06 4.49 -18.37
N LEU B 81 -17.33 5.27 -19.15
CA LEU B 81 -17.39 5.19 -20.60
C LEU B 81 -17.51 3.75 -21.07
N ILE B 82 -16.49 2.95 -20.79
CA ILE B 82 -16.52 1.52 -21.10
C ILE B 82 -17.75 0.85 -20.50
N SER B 83 -18.19 1.35 -19.35
CA SER B 83 -19.28 0.72 -18.61
C SER B 83 -20.64 1.20 -19.11
N SER B 84 -20.63 1.94 -20.21
CA SER B 84 -21.81 2.69 -20.63
C SER B 84 -22.69 1.87 -21.57
N LEU B 85 -22.46 2.01 -22.87
CA LEU B 85 -23.11 1.16 -23.85
C LEU B 85 -22.88 -0.32 -23.56
N ALA B 88 -25.63 -3.35 -18.82
CA ALA B 88 -27.06 -3.57 -18.77
C ALA B 88 -27.77 -2.43 -18.02
N TYR B 89 -28.32 -1.49 -18.77
CA TYR B 89 -29.12 -0.42 -18.20
C TYR B 89 -30.44 -0.96 -17.64
N SER B 90 -30.35 -1.73 -16.57
CA SER B 90 -31.53 -2.37 -15.98
C SER B 90 -31.61 -2.10 -14.48
N ASN B 91 -30.47 -2.04 -13.85
CA ASN B 91 -30.41 -1.87 -12.40
C ASN B 91 -29.83 -0.51 -12.00
N ILE B 92 -29.91 -0.21 -10.70
CA ILE B 92 -29.30 1.01 -10.17
C ILE B 92 -27.88 0.73 -9.65
N LYS B 93 -27.22 -0.26 -10.24
CA LYS B 93 -25.78 -0.40 -10.10
C LYS B 93 -25.09 0.69 -10.92
N ARG B 94 -25.80 1.81 -11.09
CA ARG B 94 -25.28 2.94 -11.84
C ARG B 94 -24.64 3.97 -10.92
N ASP B 95 -25.19 4.12 -9.72
CA ASP B 95 -24.42 4.62 -8.57
C ASP B 95 -23.17 3.73 -8.36
N SER B 96 -23.43 2.45 -8.11
CA SER B 96 -22.39 1.48 -7.79
C SER B 96 -21.17 1.68 -8.71
N ILE B 97 -21.45 1.73 -10.00
CA ILE B 97 -20.43 1.98 -10.99
C ILE B 97 -19.66 3.24 -10.63
N TYR B 98 -20.43 4.30 -10.37
CA TYR B 98 -19.82 5.60 -10.13
C TYR B 98 -18.79 5.54 -9.01
N LEU B 99 -19.21 5.05 -7.87
CA LEU B 99 -18.36 4.85 -6.70
C LEU B 99 -17.10 4.10 -7.08
N LEU B 100 -17.24 3.14 -8.01
CA LEU B 100 -16.06 2.38 -8.46
C LEU B 100 -15.14 3.36 -9.17
N GLY B 101 -15.77 4.17 -10.00
CA GLY B 101 -15.08 5.23 -10.73
C GLY B 101 -14.24 6.04 -9.73
N TRP B 102 -14.88 6.47 -8.65
CA TRP B 102 -14.24 7.26 -7.62
C TRP B 102 -13.27 6.44 -6.79
N VAL B 103 -13.48 5.14 -6.74
CA VAL B 103 -12.46 4.23 -6.18
C VAL B 103 -11.24 4.21 -7.07
N VAL B 104 -11.48 4.31 -8.38
CA VAL B 104 -10.39 4.33 -9.36
C VAL B 104 -9.65 5.65 -9.29
N GLU B 105 -10.38 6.72 -9.01
CA GLU B 105 -9.79 8.03 -8.79
C GLU B 105 -8.90 8.02 -7.55
N ALA B 106 -9.28 7.22 -6.56
CA ALA B 106 -8.53 7.12 -5.32
C ALA B 106 -7.22 6.37 -5.52
N ILE B 107 -7.26 5.34 -6.37
CA ILE B 107 -6.10 4.50 -6.61
C ILE B 107 -5.00 5.26 -7.34
N GLN B 108 -5.41 6.14 -8.26
CA GLN B 108 -4.47 6.97 -8.99
C GLN B 108 -3.87 8.04 -8.09
N ALA B 109 -4.67 8.56 -7.16
CA ALA B 109 -4.20 9.58 -6.24
C ALA B 109 -3.23 9.00 -5.22
N LEU B 110 -3.42 7.73 -4.87
CA LEU B 110 -2.60 7.09 -3.85
C LEU B 110 -1.38 6.40 -4.46
N ILE B 111 -1.49 6.04 -5.74
CA ILE B 111 -0.31 5.83 -6.57
C ILE B 111 0.57 7.07 -6.61
N LEU B 112 -0.04 8.22 -6.83
CA LEU B 112 0.68 9.38 -7.32
C LEU B 112 1.35 10.14 -6.19
N ILE B 113 0.80 10.01 -4.99
CA ILE B 113 1.41 10.57 -3.80
C ILE B 113 2.67 9.80 -3.40
N ALA B 114 2.59 8.48 -3.49
CA ALA B 114 3.80 7.65 -3.52
C ALA B 114 4.83 8.21 -4.49
N ASP B 115 4.39 8.49 -5.72
CA ASP B 115 5.31 8.86 -6.79
C ASP B 115 6.04 10.16 -6.46
N ASP B 116 5.33 11.10 -5.84
CA ASP B 116 5.83 12.46 -5.69
C ASP B 116 6.91 12.54 -4.61
N ILE B 117 6.77 11.71 -3.58
CA ILE B 117 7.83 11.48 -2.62
C ILE B 117 9.07 10.90 -3.30
N MET B 118 8.92 9.73 -3.88
CA MET B 118 10.03 9.06 -4.56
C MET B 118 10.74 9.97 -5.56
N ASP B 119 10.00 10.91 -6.15
CA ASP B 119 10.53 11.81 -7.15
C ASP B 119 10.78 13.24 -6.68
N SER B 120 10.52 13.58 -5.42
CA SER B 120 10.65 14.97 -4.99
C SER B 120 9.65 15.86 -5.72
N GLY B 121 8.40 15.42 -5.85
CA GLY B 121 7.41 16.26 -6.52
C GLY B 121 7.19 17.54 -5.73
N LYS B 122 6.90 18.66 -6.38
CA LYS B 122 6.66 19.91 -5.67
C LYS B 122 5.15 20.22 -5.68
N PHE B 123 4.69 20.32 -6.91
CA PHE B 123 3.33 20.54 -7.29
C PHE B 123 2.82 19.38 -8.17
N ARG B 124 1.60 18.95 -7.91
CA ARG B 124 0.75 18.17 -8.77
C ARG B 124 -0.65 18.78 -8.78
N ARG B 125 -1.35 18.71 -9.91
CA ARG B 125 -2.68 19.30 -10.08
C ARG B 125 -2.79 20.80 -9.70
N GLY B 126 -1.70 21.55 -9.87
CA GLY B 126 -1.66 22.95 -9.54
C GLY B 126 -1.42 23.23 -8.07
N ALA B 127 -1.22 22.18 -7.28
CA ALA B 127 -1.19 22.32 -5.83
C ALA B 127 -0.07 21.50 -5.19
N PRO B 128 0.48 22.07 -4.12
CA PRO B 128 1.57 21.45 -3.38
C PRO B 128 1.31 19.97 -3.10
N CYS B 129 2.28 19.13 -3.47
CA CYS B 129 2.16 17.70 -3.20
C CYS B 129 1.81 17.48 -1.73
N TRP B 130 1.08 16.42 -1.46
CA TRP B 130 0.56 16.06 -0.15
C TRP B 130 1.63 15.84 0.91
N TYR B 131 2.72 15.17 0.53
CA TYR B 131 3.80 14.92 1.47
C TYR B 131 4.46 16.23 1.88
N ILE B 132 4.27 17.24 1.04
CA ILE B 132 4.76 18.58 1.32
C ILE B 132 3.80 19.29 2.25
N VAL B 133 2.49 19.31 1.96
CA VAL B 133 1.61 20.02 2.90
C VAL B 133 1.45 19.22 4.19
N HIS B 134 1.71 17.92 4.10
CA HIS B 134 1.48 17.02 5.22
C HIS B 134 2.64 16.05 5.41
N GLY B 135 3.84 16.49 5.05
CA GLY B 135 5.07 15.80 5.41
C GLY B 135 5.04 14.34 5.00
N GLN B 136 6.19 13.68 5.14
CA GLN B 136 6.40 12.38 4.50
C GLN B 136 5.71 11.26 5.27
N SER B 137 5.74 11.35 6.60
CA SER B 137 5.22 10.30 7.45
C SER B 137 3.72 10.08 7.23
N ASN B 138 3.01 11.18 7.01
CA ASN B 138 1.56 11.13 6.83
C ASN B 138 1.18 10.74 5.41
N ALA B 139 1.77 11.41 4.43
CA ALA B 139 1.63 11.03 3.03
C ALA B 139 1.85 9.53 2.84
N ILE B 140 2.86 8.99 3.50
CA ILE B 140 3.13 7.56 3.48
C ILE B 140 2.00 6.78 4.15
N ASN B 141 1.61 7.22 5.34
CA ASN B 141 0.51 6.59 6.06
C ASN B 141 -0.81 6.69 5.30
N ASP B 142 -1.11 7.89 4.80
CA ASP B 142 -2.37 8.14 4.08
C ASP B 142 -2.40 7.35 2.79
N ILE B 143 -1.25 6.90 2.28
CA ILE B 143 -1.30 6.09 1.06
C ILE B 143 -2.05 4.81 1.41
N PHE B 144 -1.73 4.26 2.58
CA PHE B 144 -2.35 3.08 3.15
C PHE B 144 -3.83 3.30 3.42
N PHE B 145 -4.17 4.52 3.82
CA PHE B 145 -5.57 4.91 3.99
C PHE B 145 -6.35 4.78 2.69
N LEU B 146 -5.81 5.36 1.63
CA LEU B 146 -6.52 5.46 0.35
C LEU B 146 -6.76 4.08 -0.24
N LYS B 147 -6.04 3.08 0.28
CA LYS B 147 -5.86 1.82 -0.42
C LYS B 147 -6.58 0.68 0.29
N MET B 148 -6.56 0.71 1.62
CA MET B 148 -7.52 -0.05 2.42
C MET B 148 -8.95 0.38 2.11
N LEU B 149 -9.18 1.69 2.10
CA LEU B 149 -10.45 2.24 1.64
C LEU B 149 -10.85 1.67 0.30
N SER B 150 -9.96 1.76 -0.68
CA SER B 150 -10.22 1.22 -2.01
C SER B 150 -10.74 -0.21 -1.90
N LEU B 151 -9.97 -1.00 -1.17
CA LEU B 151 -10.21 -2.39 -0.87
C LEU B 151 -11.55 -2.59 -0.17
N SER B 152 -11.84 -1.74 0.82
CA SER B 152 -13.12 -1.94 1.51
C SER B 152 -14.31 -1.61 0.62
N LEU B 153 -14.35 -0.43 0.00
CA LEU B 153 -15.50 -0.09 -0.85
C LEU B 153 -15.73 -1.13 -1.94
N ILE B 154 -14.64 -1.62 -2.53
CA ILE B 154 -14.76 -2.69 -3.52
C ILE B 154 -15.47 -3.90 -2.91
N PHE B 155 -14.95 -4.36 -1.79
CA PHE B 155 -15.49 -5.47 -1.00
C PHE B 155 -17.00 -5.33 -0.82
N GLU B 156 -17.44 -4.08 -0.66
CA GLU B 156 -18.89 -3.87 -0.57
C GLU B 156 -19.41 -3.41 -1.93
N LEU B 157 -19.36 -4.32 -2.87
CA LEU B 157 -20.08 -4.30 -4.14
C LEU B 157 -20.70 -5.69 -4.33
N SER B 158 -20.40 -6.55 -3.36
CA SER B 158 -20.94 -7.90 -3.35
C SER B 158 -22.46 -7.89 -3.49
N SER B 159 -23.09 -6.84 -2.98
CA SER B 159 -24.54 -6.76 -2.94
C SER B 159 -25.11 -6.42 -4.31
N VAL B 160 -24.41 -5.58 -5.05
CA VAL B 160 -24.99 -4.90 -6.21
C VAL B 160 -24.82 -5.72 -7.48
N PHE B 161 -23.64 -6.30 -7.65
CA PHE B 161 -23.39 -7.20 -8.77
C PHE B 161 -23.25 -8.64 -8.32
N GLY B 162 -22.80 -8.83 -7.07
CA GLY B 162 -22.71 -10.15 -6.49
C GLY B 162 -21.30 -10.71 -6.55
N ASN B 163 -21.16 -11.99 -6.26
CA ASN B 163 -19.91 -12.55 -5.78
C ASN B 163 -18.85 -12.63 -6.89
N ASP B 164 -19.26 -13.14 -8.05
CA ASP B 164 -18.32 -13.47 -9.11
C ASP B 164 -17.68 -12.22 -9.70
N ILE B 165 -18.47 -11.15 -9.81
CA ILE B 165 -17.97 -9.88 -10.33
C ILE B 165 -16.89 -9.31 -9.42
N VAL B 166 -17.27 -8.99 -8.19
CA VAL B 166 -16.32 -8.50 -7.19
C VAL B 166 -15.04 -9.34 -7.19
N MET B 167 -15.20 -10.65 -7.06
CA MET B 167 -14.08 -11.57 -7.09
C MET B 167 -13.16 -11.29 -8.28
N LYS B 168 -13.77 -10.85 -9.38
CA LYS B 168 -13.03 -10.63 -10.62
C LYS B 168 -12.45 -9.22 -10.68
N ILE B 169 -13.24 -8.24 -10.26
CA ILE B 169 -12.72 -6.92 -9.91
C ILE B 169 -11.51 -7.03 -9.00
N GLN B 170 -11.55 -7.98 -8.07
CA GLN B 170 -10.53 -8.10 -7.04
C GLN B 170 -9.18 -8.49 -7.65
N LYS B 171 -9.21 -8.91 -8.91
CA LYS B 171 -8.09 -9.64 -9.50
C LYS B 171 -7.47 -8.87 -10.65
N ILE B 172 -8.22 -7.92 -11.17
CA ILE B 172 -7.63 -6.83 -11.94
C ILE B 172 -6.85 -5.89 -11.04
N TYR B 173 -7.47 -5.47 -9.95
CA TYR B 173 -6.82 -4.58 -8.98
C TYR B 173 -5.46 -5.14 -8.58
N ASN B 174 -5.44 -6.43 -8.24
CA ASN B 174 -4.20 -7.05 -7.72
C ASN B 174 -3.12 -7.08 -8.79
N GLU B 175 -3.47 -7.43 -10.02
CA GLU B 175 -2.46 -7.40 -11.07
C GLU B 175 -2.04 -5.95 -11.33
N SER B 176 -3.04 -5.10 -11.55
CA SER B 176 -2.80 -3.70 -11.90
C SER B 176 -1.85 -2.98 -10.96
N ILE B 177 -2.06 -3.05 -9.64
CA ILE B 177 -1.11 -2.35 -8.76
C ILE B 177 0.14 -3.19 -8.58
N PHE B 178 0.01 -4.51 -8.66
CA PHE B 178 1.23 -5.34 -8.61
C PHE B 178 2.19 -4.97 -9.73
N PHE B 179 1.72 -4.86 -10.97
CA PHE B 179 2.60 -4.50 -12.08
C PHE B 179 3.07 -3.06 -11.98
N THR B 180 2.18 -2.23 -11.44
CA THR B 180 2.53 -0.82 -11.26
C THR B 180 3.76 -0.73 -10.39
N VAL B 181 3.72 -1.51 -9.31
CA VAL B 181 4.84 -1.46 -8.37
C VAL B 181 6.12 -1.98 -9.01
N LEU B 182 6.08 -3.13 -9.67
CA LEU B 182 7.24 -3.62 -10.40
C LEU B 182 7.74 -2.56 -11.37
N GLY B 183 6.77 -1.97 -12.09
CA GLY B 183 7.02 -0.83 -12.95
C GLY B 183 7.65 0.33 -12.19
N GLN B 184 7.22 0.56 -10.96
CA GLN B 184 7.83 1.63 -10.18
C GLN B 184 9.21 1.24 -9.67
N HIS B 185 9.42 -0.06 -9.47
CA HIS B 185 10.74 -0.52 -9.10
C HIS B 185 11.76 -0.22 -10.19
N LEU B 186 11.39 -0.53 -11.42
CA LEU B 186 12.24 -0.35 -12.58
C LEU B 186 12.60 1.10 -12.78
N ASP B 187 11.68 1.98 -12.43
CA ASP B 187 11.87 3.41 -12.52
C ASP B 187 12.95 3.88 -11.53
N LEU B 188 13.05 3.12 -10.44
CA LEU B 188 13.97 3.32 -9.34
C LEU B 188 15.32 2.67 -9.59
N SER B 189 15.26 1.45 -10.11
CA SER B 189 16.38 0.66 -10.57
C SER B 189 16.97 1.23 -11.85
N TYR B 190 18.08 1.95 -11.75
CA TYR B 190 18.66 2.67 -12.88
C TYR B 190 19.28 1.74 -13.91
N PHE B 191 19.17 2.15 -15.17
CA PHE B 191 19.68 1.44 -16.33
C PHE B 191 21.19 1.58 -16.47
N ASP B 192 21.76 0.85 -17.43
CA ASP B 192 23.20 0.85 -17.68
C ASP B 192 23.55 1.51 -19.02
N LEU B 193 23.64 2.82 -19.04
CA LEU B 193 23.88 3.65 -20.21
C LEU B 193 24.92 3.02 -21.14
N SER B 194 26.07 2.69 -20.57
CA SER B 194 27.18 2.04 -21.26
C SER B 194 26.67 0.88 -22.11
N LYS B 195 25.83 0.07 -21.48
CA LYS B 195 25.20 -1.08 -22.11
C LYS B 195 23.78 -0.69 -22.56
N ALA B 196 23.69 0.22 -23.52
CA ALA B 196 22.39 0.74 -23.92
C ALA B 196 21.97 0.28 -25.32
N ASP B 197 22.41 -0.92 -25.70
CA ASP B 197 22.02 -1.50 -26.98
C ASP B 197 20.51 -1.41 -27.19
N LYS B 198 19.76 -1.58 -26.12
CA LYS B 198 18.30 -1.61 -26.17
C LYS B 198 17.67 -1.16 -24.85
N ILE B 199 18.14 -0.02 -24.34
CA ILE B 199 17.47 0.56 -23.18
C ILE B 199 16.01 0.83 -23.52
N SER B 200 15.77 1.11 -24.80
CA SER B 200 14.43 1.34 -25.29
C SER B 200 13.49 0.23 -24.84
N GLU B 201 14.03 -0.99 -24.85
CA GLU B 201 13.27 -2.18 -24.51
C GLU B 201 12.91 -2.20 -23.02
N ARG B 202 13.85 -1.71 -22.23
CA ARG B 202 13.63 -1.44 -20.82
C ARG B 202 12.57 -0.35 -20.67
N TYR B 203 12.78 0.73 -21.40
CA TYR B 203 11.87 1.87 -21.36
C TYR B 203 10.41 1.44 -21.46
N PHE B 204 10.08 1.00 -22.67
CA PHE B 204 8.74 0.59 -23.02
C PHE B 204 8.22 -0.52 -22.14
N SER B 205 9.12 -1.36 -21.63
CA SER B 205 8.74 -2.45 -20.73
C SER B 205 8.34 -1.88 -19.37
N MET B 206 9.25 -1.10 -18.80
CA MET B 206 8.93 -0.29 -17.62
C MET B 206 7.63 0.49 -17.83
N VAL B 207 7.53 1.18 -18.96
CA VAL B 207 6.40 2.06 -19.22
C VAL B 207 5.07 1.31 -19.10
N GLU B 208 4.94 0.20 -19.83
CA GLU B 208 3.69 -0.55 -19.79
C GLU B 208 3.27 -0.90 -18.35
N MET B 209 4.25 -0.99 -17.46
CA MET B 209 4.01 -1.52 -16.11
C MET B 209 3.74 -0.42 -15.09
N LYS B 210 4.53 0.64 -15.11
CA LYS B 210 4.36 1.70 -14.13
C LYS B 210 3.19 2.63 -14.43
N THR B 211 2.66 2.59 -15.65
CA THR B 211 1.64 3.51 -16.10
C THR B 211 0.43 2.87 -16.76
N SER B 212 0.67 2.08 -17.81
CA SER B 212 -0.34 1.79 -18.82
C SER B 212 -1.65 1.28 -18.22
N ARG B 213 -1.53 0.66 -17.05
CA ARG B 213 -2.29 -0.54 -16.75
C ARG B 213 -3.04 -0.39 -15.42
N TYR B 214 -2.67 0.63 -14.65
CA TYR B 214 -3.59 1.25 -13.70
C TYR B 214 -4.31 2.44 -14.32
N THR B 215 -3.73 2.98 -15.39
CA THR B 215 -4.39 4.03 -16.17
C THR B 215 -5.45 3.45 -17.10
N PHE B 216 -5.10 2.36 -17.78
CA PHE B 216 -5.88 1.88 -18.91
C PHE B 216 -6.46 0.48 -18.79
N TYR B 217 -5.63 -0.50 -18.44
CA TYR B 217 -6.15 -1.86 -18.31
C TYR B 217 -7.11 -1.95 -17.12
N MET B 218 -6.73 -1.34 -16.00
CA MET B 218 -7.55 -1.48 -14.81
C MET B 218 -8.90 -0.77 -14.95
N PRO B 219 -8.93 0.51 -15.34
CA PRO B 219 -10.20 1.18 -15.56
C PRO B 219 -11.05 0.44 -16.60
N VAL B 220 -10.45 0.26 -17.77
CA VAL B 220 -11.10 -0.48 -18.85
C VAL B 220 -11.56 -1.85 -18.42
N PHE B 221 -10.73 -2.57 -17.66
CA PHE B 221 -11.12 -3.94 -17.32
C PHE B 221 -12.14 -4.02 -16.20
N PHE B 222 -12.15 -3.06 -15.27
CA PHE B 222 -13.25 -2.99 -14.33
C PHE B 222 -14.56 -2.76 -15.09
N GLY B 223 -14.56 -1.79 -16.01
CA GLY B 223 -15.77 -1.47 -16.76
C GLY B 223 -16.21 -2.58 -17.68
N LEU B 224 -15.27 -3.37 -18.21
CA LEU B 224 -15.70 -4.50 -19.02
C LEU B 224 -16.42 -5.50 -18.13
N THR B 225 -16.02 -5.56 -16.87
CA THR B 225 -16.59 -6.49 -15.91
C THR B 225 -18.00 -6.09 -15.49
N LEU B 226 -18.18 -4.90 -14.94
CA LEU B 226 -19.49 -4.49 -14.42
C LEU B 226 -20.56 -4.66 -15.50
N SER B 227 -20.16 -4.38 -16.73
CA SER B 227 -21.00 -4.49 -17.91
C SER B 227 -21.42 -5.93 -18.17
N GLU B 228 -20.46 -6.84 -18.06
CA GLU B 228 -20.74 -8.25 -18.35
C GLU B 228 -21.02 -8.44 -19.84
N ILE B 229 -20.58 -7.48 -20.64
CA ILE B 229 -21.00 -7.41 -22.03
C ILE B 229 -20.89 -8.80 -22.69
N GLN B 230 -21.68 -9.00 -23.75
CA GLN B 230 -21.39 -10.02 -24.75
C GLN B 230 -20.12 -9.68 -25.51
N VAL B 231 -18.97 -9.80 -24.85
CA VAL B 231 -18.26 -11.07 -24.79
C VAL B 231 -17.66 -11.59 -26.10
N SER B 232 -16.66 -10.88 -26.61
CA SER B 232 -15.80 -11.42 -27.66
C SER B 232 -14.37 -11.75 -27.24
N SER B 233 -14.24 -12.73 -26.36
CA SER B 233 -13.00 -12.93 -25.62
C SER B 233 -11.81 -13.11 -26.56
N ALA B 234 -11.99 -13.96 -27.57
CA ALA B 234 -10.96 -14.17 -28.59
C ALA B 234 -10.46 -12.82 -29.13
N GLN B 235 -11.41 -11.91 -29.26
CA GLN B 235 -11.15 -10.55 -29.73
C GLN B 235 -10.66 -9.69 -28.58
N LEU B 236 -10.14 -10.35 -27.52
CA LEU B 236 -9.63 -9.55 -26.41
C LEU B 236 -8.32 -8.87 -26.77
N ASN B 237 -7.24 -9.60 -26.97
CA ASN B 237 -5.90 -9.04 -27.06
C ASN B 237 -5.73 -7.86 -28.01
N LEU B 238 -6.76 -7.55 -28.79
CA LEU B 238 -6.82 -6.42 -29.69
C LEU B 238 -6.98 -5.12 -28.90
N ILE B 239 -8.09 -5.01 -28.18
CA ILE B 239 -8.30 -3.90 -27.27
C ILE B 239 -7.22 -3.86 -26.21
N GLU B 240 -6.70 -5.04 -25.85
CA GLU B 240 -5.52 -5.11 -25.00
C GLU B 240 -4.31 -4.52 -25.71
N ALA B 241 -4.24 -4.72 -27.03
CA ALA B 241 -3.21 -4.12 -27.85
C ALA B 241 -3.38 -2.61 -27.92
N ILE B 242 -4.62 -2.13 -27.90
CA ILE B 242 -4.91 -0.70 -27.84
C ILE B 242 -4.45 -0.08 -26.53
N LEU B 243 -4.81 -0.66 -25.37
CA LEU B 243 -4.47 -0.10 -24.08
C LEU B 243 -2.97 0.05 -23.89
N TYR B 244 -2.22 -0.90 -24.49
CA TYR B 244 -0.76 -0.86 -24.45
C TYR B 244 -0.28 0.48 -25.00
N LYS B 245 -0.89 0.95 -26.08
CA LYS B 245 -0.38 2.14 -26.77
C LYS B 245 -1.10 3.41 -26.34
N LEU B 246 -2.33 3.26 -25.82
CA LEU B 246 -2.89 4.37 -25.07
C LEU B 246 -1.89 4.78 -23.99
N GLY B 247 -1.41 3.75 -23.30
CA GLY B 247 -0.53 3.83 -22.16
C GLY B 247 0.84 4.36 -22.50
N GLU B 248 1.46 3.72 -23.49
CA GLU B 248 2.74 4.15 -24.05
C GLU B 248 2.71 5.63 -24.39
N PHE B 249 1.74 5.94 -25.24
CA PHE B 249 1.51 7.31 -25.71
C PHE B 249 1.27 8.23 -24.52
N TYR B 250 0.61 7.74 -23.47
CA TYR B 250 0.42 8.64 -22.32
C TYR B 250 1.76 9.05 -21.72
N GLN B 251 2.52 8.09 -21.22
CA GLN B 251 3.82 8.36 -20.62
C GLN B 251 4.71 9.15 -21.56
N VAL B 252 4.86 8.65 -22.79
CA VAL B 252 5.79 9.24 -23.75
C VAL B 252 5.68 10.76 -23.77
N HIS B 253 4.45 11.25 -23.67
CA HIS B 253 4.21 12.69 -23.66
C HIS B 253 4.65 13.31 -22.34
N ASN B 254 4.07 12.84 -21.24
CA ASN B 254 4.54 13.19 -19.90
C ASN B 254 6.05 13.38 -19.85
N ASP B 255 6.78 12.39 -20.39
CA ASP B 255 8.23 12.42 -20.38
C ASP B 255 8.77 13.60 -21.17
N VAL B 256 8.04 14.00 -22.20
CA VAL B 256 8.48 15.06 -23.10
C VAL B 256 8.10 16.43 -22.56
N SER B 257 6.92 16.52 -21.95
CA SER B 257 6.55 17.69 -21.18
C SER B 257 7.61 18.05 -20.16
N ASP B 258 7.98 17.08 -19.33
CA ASP B 258 9.08 17.24 -18.38
C ASP B 258 10.34 17.78 -19.08
N TYR B 259 10.72 17.11 -20.16
CA TYR B 259 11.90 17.52 -20.93
C TYR B 259 11.77 18.94 -21.44
N LEU B 260 10.52 19.39 -21.58
CA LEU B 260 10.22 20.50 -22.50
C LEU B 260 10.02 21.76 -21.66
N PHE B 261 9.75 21.58 -20.38
CA PHE B 261 9.17 22.64 -19.56
C PHE B 261 9.78 22.69 -18.17
N ASN B 262 9.97 21.52 -17.57
CA ASN B 262 10.53 21.42 -16.23
C ASN B 262 11.94 21.98 -16.16
N ASP B 263 12.14 22.96 -15.28
CA ASP B 263 13.41 23.67 -15.21
C ASP B 263 13.99 23.64 -13.80
N SER B 264 14.80 22.62 -13.52
CA SER B 264 15.36 22.42 -12.19
C SER B 264 16.33 21.25 -12.17
N ASN B 265 16.85 20.94 -10.99
CA ASN B 265 17.52 19.67 -10.75
C ASN B 265 16.58 18.59 -10.21
N ALA B 266 15.36 19.01 -9.87
CA ALA B 266 14.33 18.08 -9.43
C ALA B 266 13.75 17.30 -10.61
N ASP B 267 14.41 17.40 -11.77
CA ASP B 267 13.78 17.07 -13.04
C ASP B 267 14.06 15.62 -13.43
N ASP B 268 13.57 15.23 -14.60
CA ASP B 268 13.81 13.89 -15.12
C ASP B 268 15.30 13.55 -15.12
N ILE B 269 16.08 14.36 -15.84
CA ILE B 269 17.48 14.05 -16.08
C ILE B 269 18.30 14.12 -14.80
N CYS B 270 18.21 15.24 -14.10
CA CYS B 270 18.96 15.46 -12.87
C CYS B 270 18.69 14.28 -11.94
N ARG B 271 17.51 13.69 -12.03
CA ARG B 271 17.13 12.57 -11.17
C ARG B 271 17.49 11.24 -11.83
N PHE B 272 18.03 11.31 -13.04
CA PHE B 272 18.59 10.14 -13.70
C PHE B 272 17.52 9.10 -14.01
N LYS B 273 16.54 9.50 -14.83
CA LYS B 273 15.38 8.65 -15.09
C LYS B 273 15.35 8.21 -16.56
N LEU B 274 14.71 7.08 -16.81
CA LEU B 274 14.69 6.49 -18.15
C LEU B 274 13.43 6.88 -18.91
N THR B 275 13.61 7.62 -20.00
CA THR B 275 12.54 8.45 -20.55
C THR B 275 12.61 8.50 -22.07
N TRP B 276 11.48 8.79 -22.69
CA TRP B 276 11.36 8.70 -24.14
C TRP B 276 12.49 9.45 -24.84
N PRO B 277 12.72 10.68 -24.42
CA PRO B 277 13.72 11.55 -25.07
C PRO B 277 15.09 10.89 -25.11
N LEU B 278 15.67 10.66 -23.94
CA LEU B 278 17.02 10.10 -23.86
C LEU B 278 17.10 8.72 -24.50
N GLN B 279 16.00 7.97 -24.39
CA GLN B 279 15.89 6.68 -25.07
C GLN B 279 16.02 6.84 -26.59
N LYS B 280 15.34 7.84 -27.12
CA LYS B 280 15.35 8.08 -28.56
C LYS B 280 16.72 8.61 -28.99
N SER B 281 17.29 9.49 -28.18
CA SER B 281 18.53 10.16 -28.53
C SER B 281 19.67 9.16 -28.71
N PHE B 282 19.70 8.14 -27.85
CA PHE B 282 20.52 6.97 -28.08
C PHE B 282 20.26 6.18 -29.37
N GLU B 283 19.03 6.25 -29.86
CA GLU B 283 18.68 5.67 -31.15
C GLU B 283 19.07 6.58 -32.30
N ILE B 284 19.40 7.82 -31.98
CA ILE B 284 19.43 8.90 -32.95
C ILE B 284 20.70 9.73 -32.86
N ALA B 285 21.63 9.32 -32.00
CA ALA B 285 22.85 10.10 -31.82
C ALA B 285 24.08 9.32 -32.27
N ASP B 286 25.04 10.06 -32.84
CA ASP B 286 26.34 9.48 -33.16
C ASP B 286 27.10 9.24 -31.87
N GLU B 287 28.27 8.62 -31.97
CA GLU B 287 29.04 8.21 -30.80
C GLU B 287 29.54 9.42 -30.02
N GLU B 288 29.22 10.61 -30.51
CA GLU B 288 29.68 11.84 -29.87
C GLU B 288 28.67 12.32 -28.81
N MET B 289 27.49 12.70 -29.26
CA MET B 289 26.44 13.19 -28.36
C MET B 289 26.19 12.20 -27.23
N LYS B 290 26.21 10.92 -27.56
CA LYS B 290 25.74 9.88 -26.64
C LYS B 290 26.72 9.69 -25.49
N LEU B 291 28.01 9.81 -25.78
CA LEU B 291 29.03 9.85 -24.75
C LEU B 291 28.95 11.14 -23.93
N LYS B 292 28.43 12.19 -24.56
CA LYS B 292 28.38 13.51 -23.94
C LYS B 292 27.12 13.67 -23.10
N ILE B 293 26.21 12.70 -23.21
CA ILE B 293 24.99 12.70 -22.41
C ILE B 293 25.28 11.94 -21.12
N SER B 294 25.84 10.74 -21.25
CA SER B 294 26.05 9.87 -20.11
C SER B 294 27.07 10.41 -19.10
N GLU B 295 27.55 11.63 -19.33
CA GLU B 295 28.45 12.29 -18.40
C GLU B 295 27.72 13.34 -17.58
N ASN B 296 26.93 14.17 -18.25
CA ASN B 296 26.08 15.14 -17.57
C ASN B 296 24.78 14.53 -17.08
N TYR B 297 24.62 13.23 -17.31
CA TYR B 297 23.46 12.50 -16.82
C TYR B 297 23.75 11.83 -15.48
N GLY B 298 23.24 12.43 -14.40
CA GLY B 298 22.41 13.60 -14.50
C GLY B 298 22.81 14.69 -13.54
N LYS B 299 23.82 15.47 -13.93
CA LYS B 299 24.26 16.61 -13.14
C LYS B 299 23.79 17.93 -13.75
N ASN B 300 24.34 18.26 -14.92
CA ASN B 300 23.97 19.49 -15.62
C ASN B 300 22.93 19.22 -16.68
N SER B 301 21.68 19.08 -16.28
CA SER B 301 20.58 18.80 -17.20
C SER B 301 20.56 19.82 -18.34
N SER B 302 21.07 21.03 -18.12
CA SER B 302 21.14 22.04 -19.17
C SER B 302 21.79 21.47 -20.43
N LEU B 303 22.95 20.89 -20.22
CA LEU B 303 23.74 20.26 -21.28
C LEU B 303 23.06 19.03 -21.87
N VAL B 304 22.41 18.23 -21.02
CA VAL B 304 21.71 17.04 -21.48
C VAL B 304 20.60 17.40 -22.48
N LYS B 305 19.93 18.50 -22.19
CA LYS B 305 18.86 19.05 -22.99
C LYS B 305 19.36 19.71 -24.27
N ASP B 306 20.49 20.40 -24.16
CA ASP B 306 21.11 21.10 -25.28
C ASP B 306 21.17 20.21 -26.52
N CYS B 307 21.61 19.00 -26.25
CA CYS B 307 21.73 17.92 -27.22
C CYS B 307 20.38 17.62 -27.88
N TYR B 308 19.40 17.23 -27.07
CA TYR B 308 18.06 16.94 -27.58
C TYR B 308 17.66 17.94 -28.67
N ASN B 309 17.82 19.23 -28.37
CA ASN B 309 17.44 20.29 -29.30
C ASN B 309 18.24 20.21 -30.60
N LEU B 310 19.47 19.71 -30.52
CA LEU B 310 20.29 19.50 -31.71
C LEU B 310 20.25 18.04 -32.15
N LEU B 311 19.64 17.19 -31.33
CA LEU B 311 18.95 16.00 -31.83
C LEU B 311 17.55 16.35 -32.31
N LYS B 312 17.11 17.57 -32.04
CA LYS B 312 15.72 17.96 -32.25
C LYS B 312 14.77 16.84 -31.87
N ILE B 313 14.64 16.59 -30.57
CA ILE B 313 13.88 15.45 -30.07
C ILE B 313 12.38 15.74 -30.09
N ASN B 314 12.03 17.00 -29.87
CA ASN B 314 10.63 17.43 -29.96
C ASN B 314 10.08 17.30 -31.38
N GLU B 315 10.97 17.33 -32.36
CA GLU B 315 10.63 16.92 -33.72
C GLU B 315 10.16 15.47 -33.75
N HIS B 316 10.72 14.64 -32.88
CA HIS B 316 10.63 13.20 -33.04
C HIS B 316 9.47 12.63 -32.23
N TYR B 317 9.07 13.34 -31.18
CA TYR B 317 7.81 13.08 -30.50
C TYR B 317 6.62 13.28 -31.44
N LEU B 318 6.64 14.38 -32.18
CA LEU B 318 5.48 14.79 -32.96
C LEU B 318 5.18 13.79 -34.07
N GLU B 319 6.24 13.27 -34.70
CA GLU B 319 6.09 12.21 -35.68
C GLU B 319 5.73 10.88 -35.01
N TYR B 320 6.17 10.72 -33.77
CA TYR B 320 5.60 9.71 -32.89
C TYR B 320 4.10 9.96 -32.66
N GLN B 321 3.79 11.05 -31.98
CA GLN B 321 2.42 11.34 -31.59
C GLN B 321 1.52 11.34 -32.82
N ARG B 322 2.11 11.72 -33.93
CA ARG B 322 1.44 11.71 -35.23
C ARG B 322 1.08 10.28 -35.62
N ASN B 323 2.05 9.38 -35.52
CA ASN B 323 1.83 7.98 -35.88
C ASN B 323 1.05 7.26 -34.78
N ALA B 324 1.13 7.77 -33.56
CA ALA B 324 0.43 7.23 -32.41
C ALA B 324 -1.06 7.13 -32.72
N LEU B 325 -1.61 8.28 -33.11
CA LEU B 325 -3.04 8.42 -33.35
C LEU B 325 -3.58 7.45 -34.40
N ASP B 326 -3.02 7.43 -35.60
CA ASP B 326 -3.64 6.55 -36.61
C ASP B 326 -3.54 5.09 -36.21
N TYR B 327 -2.41 4.69 -35.66
CA TYR B 327 -2.20 3.30 -35.24
C TYR B 327 -3.19 2.89 -34.16
N LEU B 328 -3.58 3.85 -33.33
CA LEU B 328 -4.74 3.69 -32.47
C LEU B 328 -6.02 3.57 -33.29
N ILE B 329 -6.06 4.27 -34.42
CA ILE B 329 -7.27 4.33 -35.24
C ILE B 329 -7.41 3.08 -36.11
N LYS B 330 -6.29 2.63 -36.67
CA LYS B 330 -6.25 1.34 -37.36
C LYS B 330 -6.74 0.28 -36.38
N LEU B 331 -6.03 0.22 -35.27
CA LEU B 331 -6.30 -0.67 -34.14
C LEU B 331 -7.78 -0.64 -33.76
N VAL B 332 -8.30 0.55 -33.49
CA VAL B 332 -9.70 0.79 -33.11
C VAL B 332 -10.65 0.29 -34.20
N LYS B 333 -10.34 0.67 -35.43
CA LYS B 333 -11.11 0.27 -36.60
C LYS B 333 -11.30 -1.23 -36.72
N ASP B 334 -10.50 -2.05 -36.05
CA ASP B 334 -10.68 -3.50 -36.19
C ASP B 334 -11.53 -4.09 -35.07
N ILE B 335 -12.21 -3.24 -34.30
CA ILE B 335 -13.04 -3.82 -33.22
C ILE B 335 -14.38 -4.28 -33.78
N THR B 336 -14.68 -5.55 -33.57
CA THR B 336 -15.79 -6.26 -34.17
C THR B 336 -17.16 -5.84 -33.62
N ASP B 337 -17.38 -5.97 -32.31
CA ASP B 337 -18.65 -5.79 -31.64
C ASP B 337 -19.46 -4.63 -32.18
N ASP B 338 -18.81 -3.56 -32.58
CA ASP B 338 -19.41 -2.38 -33.20
C ASP B 338 -20.21 -1.54 -32.21
N SER B 339 -20.58 -2.13 -31.07
CA SER B 339 -21.06 -1.37 -29.92
C SER B 339 -19.97 -1.26 -28.86
N LEU B 340 -18.82 -1.87 -29.13
CA LEU B 340 -17.68 -1.79 -28.22
C LEU B 340 -16.49 -1.10 -28.88
N GLN B 341 -16.60 -0.85 -30.18
CA GLN B 341 -15.69 0.06 -30.86
C GLN B 341 -16.18 1.51 -30.75
N LYS B 342 -17.42 1.67 -30.34
CA LYS B 342 -17.98 3.00 -30.09
C LYS B 342 -17.26 3.77 -29.00
N VAL B 343 -17.38 3.26 -27.77
CA VAL B 343 -16.73 3.85 -26.61
C VAL B 343 -15.22 3.75 -26.72
N PHE B 344 -14.73 2.81 -27.51
CA PHE B 344 -13.28 2.73 -27.74
C PHE B 344 -12.87 3.75 -28.79
N ILE B 345 -13.86 4.33 -29.47
CA ILE B 345 -13.60 5.48 -30.33
C ILE B 345 -13.53 6.75 -29.48
N HIS B 346 -14.44 6.87 -28.52
CA HIS B 346 -14.41 7.97 -27.57
C HIS B 346 -13.16 7.89 -26.69
N LEU B 347 -12.77 6.67 -26.33
CA LEU B 347 -11.57 6.51 -25.50
C LEU B 347 -10.35 7.06 -26.23
N ILE B 348 -10.16 6.60 -27.47
CA ILE B 348 -9.06 7.04 -28.31
C ILE B 348 -9.11 8.54 -28.57
N HIS B 349 -10.33 9.08 -28.69
CA HIS B 349 -10.46 10.52 -28.90
C HIS B 349 -10.07 11.34 -27.67
N GLN B 350 -10.54 10.90 -26.52
CA GLN B 350 -10.30 11.56 -25.26
C GLN B 350 -8.82 11.75 -24.95
N ILE B 351 -8.06 10.67 -25.04
CA ILE B 351 -6.64 10.72 -24.70
C ILE B 351 -5.86 11.62 -25.65
N SER B 352 -6.08 11.48 -26.96
CA SER B 352 -5.33 12.26 -27.93
C SER B 352 -5.63 13.74 -27.80
N GLU B 353 -6.92 14.07 -27.68
CA GLU B 353 -7.31 15.43 -27.33
C GLU B 353 -6.57 15.89 -26.08
N LEU B 354 -6.69 15.10 -25.01
CA LEU B 354 -5.94 15.36 -23.78
C LEU B 354 -4.46 15.59 -24.08
N ILE B 355 -3.85 14.65 -24.80
CA ILE B 355 -2.41 14.72 -25.02
C ILE B 355 -2.03 15.77 -26.04
N THR B 356 -3.00 16.14 -26.89
CA THR B 356 -2.64 17.10 -27.93
C THR B 356 -2.97 18.53 -27.55
N ASN B 357 -4.03 18.77 -26.75
CA ASN B 357 -4.37 20.17 -26.48
C ASN B 357 -3.67 20.67 -25.22
N SER B 358 -2.39 20.34 -25.09
CA SER B 358 -1.55 20.92 -24.04
C SER B 358 -0.89 22.21 -24.53
N ARG B 359 0.17 22.62 -23.83
CA ARG B 359 0.96 23.77 -24.25
C ARG B 359 1.42 23.62 -25.70
N SER B 360 0.85 24.42 -26.59
CA SER B 360 1.02 24.23 -28.03
C SER B 360 2.07 25.17 -28.60
N ASN B 361 1.81 26.48 -28.47
CA ASN B 361 2.71 27.49 -28.99
C ASN B 361 3.70 27.97 -27.94
MG MG C . 8.36 2.40 15.62
MG MG D . 5.74 3.98 15.25
MG MG E . 8.19 1.90 19.98
O17 ZOL F . 8.92 0.70 16.50
P14 ZOL F . 8.18 -0.14 17.51
O16 ZOL F . 8.65 0.22 19.00
O15 ZOL F . 8.33 -1.70 17.33
C8 ZOL F . 6.38 0.17 17.41
P9 ZOL F . 6.04 1.94 17.65
O10 ZOL F . 4.44 2.05 17.52
O11 ZOL F . 6.41 2.26 19.17
O12 ZOL F . 6.73 2.80 16.65
O13 ZOL F . 5.73 -0.57 18.46
C7 ZOL F . 5.83 -0.31 16.02
N15 ZOL F . 4.37 -0.31 15.85
C16 ZOL F . 3.51 -0.85 16.66
N17 ZOL F . 2.35 -0.67 16.21
C18 ZOL F . 2.41 0.04 14.96
C19 ZOL F . 3.73 0.25 14.84
MG MG G . 7.08 12.07 -11.00
MG MG H . 8.78 8.40 -11.37
MG MG I . 6.98 12.31 -16.14
O17 ZOL J . 5.28 12.12 -11.80
P14 ZOL J . 4.71 12.11 -13.19
O16 ZOL J . 5.51 13.00 -14.23
O15 ZOL J . 3.17 12.58 -13.22
C8 ZOL J . 4.64 10.39 -13.82
P9 ZOL J . 6.35 9.75 -13.86
O10 ZOL J . 6.29 8.31 -14.55
O11 ZOL J . 7.07 10.76 -14.85
O12 ZOL J . 6.95 9.69 -12.49
O13 ZOL J . 4.16 10.42 -15.18
C7 ZOL J . 3.76 9.52 -12.87
N15 ZOL J . 3.63 8.10 -13.15
C16 ZOL J . 3.21 7.55 -14.25
N17 ZOL J . 3.22 6.31 -14.12
C18 ZOL J . 3.70 5.93 -12.82
C19 ZOL J . 3.94 7.15 -12.27
#